data_2LNM
#
_entry.id   2LNM
#
_entity_poly.entity_id   1
_entity_poly.type   'polypeptide(L)'
_entity_poly.pdbx_seq_one_letter_code
;PEEVISKIMENPDVAMAFQNPRVQAALMECSENPMNIMKYQNDKEVMDVFNKISQLFPGMTG
;
_entity_poly.pdbx_strand_id   A
#
# COMPACT_ATOMS: atom_id res chain seq x y z
N PRO A 1 12.72 -6.59 -3.57
CA PRO A 1 11.29 -6.61 -3.92
C PRO A 1 11.09 -5.96 -5.31
N GLU A 2 12.10 -6.00 -6.13
CA GLU A 2 11.97 -5.39 -7.48
C GLU A 2 10.82 -6.07 -8.24
N GLU A 3 10.52 -7.29 -7.89
CA GLU A 3 9.42 -8.02 -8.58
C GLU A 3 8.09 -7.28 -8.39
N VAL A 4 7.66 -7.09 -7.18
CA VAL A 4 6.36 -6.40 -6.94
C VAL A 4 6.48 -4.92 -7.34
N ILE A 5 7.52 -4.25 -6.93
CA ILE A 5 7.67 -2.81 -7.29
C ILE A 5 7.50 -2.63 -8.80
N SER A 6 7.79 -3.63 -9.57
CA SER A 6 7.64 -3.51 -11.04
C SER A 6 6.15 -3.42 -11.40
N LYS A 7 5.32 -4.15 -10.70
CA LYS A 7 3.87 -4.12 -11.01
C LYS A 7 3.24 -2.80 -10.54
N ILE A 8 3.76 -2.20 -9.50
CA ILE A 8 3.18 -0.92 -9.00
C ILE A 8 3.26 0.13 -10.12
N MET A 9 4.23 0.02 -10.98
CA MET A 9 4.36 1.02 -12.09
C MET A 9 3.10 1.01 -12.95
N GLU A 10 2.21 0.08 -12.70
CA GLU A 10 0.96 0.02 -13.51
C GLU A 10 0.08 1.22 -13.18
N ASN A 11 0.03 1.60 -11.93
CA ASN A 11 -0.81 2.77 -11.51
C ASN A 11 0.11 3.87 -10.96
N PRO A 12 0.58 4.77 -11.79
CA PRO A 12 1.47 5.87 -11.34
C PRO A 12 0.95 6.53 -10.06
N ASP A 13 -0.28 6.27 -9.73
CA ASP A 13 -0.87 6.86 -8.49
C ASP A 13 -0.26 6.17 -7.26
N VAL A 14 -0.14 4.86 -7.31
CA VAL A 14 0.45 4.12 -6.16
C VAL A 14 1.96 4.29 -6.19
N ALA A 15 2.54 4.27 -7.36
CA ALA A 15 4.00 4.45 -7.47
C ALA A 15 4.37 5.82 -6.90
N MET A 16 3.54 6.80 -7.12
CA MET A 16 3.82 8.16 -6.60
C MET A 16 3.52 8.15 -5.10
N ALA A 17 2.50 7.43 -4.72
CA ALA A 17 2.15 7.37 -3.28
C ALA A 17 3.24 6.57 -2.56
N PHE A 18 3.81 5.62 -3.25
CA PHE A 18 4.91 4.81 -2.64
C PHE A 18 5.99 5.78 -2.15
N GLN A 19 6.03 6.96 -2.68
CA GLN A 19 7.06 7.96 -2.26
C GLN A 19 6.54 8.75 -1.05
N ASN A 20 5.64 8.18 -0.29
CA ASN A 20 5.09 8.88 0.91
C ASN A 20 5.55 8.13 2.16
N PRO A 21 5.81 8.80 3.25
CA PRO A 21 6.27 8.13 4.50
C PRO A 21 5.17 7.29 5.15
N ARG A 22 3.98 7.81 5.25
CA ARG A 22 2.87 7.04 5.88
C ARG A 22 2.63 5.76 5.07
N VAL A 23 2.83 5.83 3.78
CA VAL A 23 2.61 4.62 2.93
C VAL A 23 3.76 3.64 3.15
N GLN A 24 4.98 4.09 3.01
CA GLN A 24 6.13 3.18 3.24
C GLN A 24 6.02 2.60 4.66
N ALA A 25 5.54 3.39 5.57
CA ALA A 25 5.38 2.92 6.97
C ALA A 25 4.21 1.94 7.03
N ALA A 26 3.21 2.17 6.24
CA ALA A 26 2.05 1.24 6.23
C ALA A 26 2.49 -0.10 5.64
N LEU A 27 3.26 -0.07 4.59
CA LEU A 27 3.75 -1.33 3.97
C LEU A 27 4.79 -1.98 4.88
N MET A 28 5.74 -1.23 5.36
CA MET A 28 6.76 -1.80 6.27
C MET A 28 6.05 -2.37 7.48
N GLU A 29 5.06 -1.67 7.99
CA GLU A 29 4.32 -2.19 9.16
C GLU A 29 3.41 -3.34 8.71
N CYS A 30 2.95 -3.30 7.48
CA CYS A 30 2.07 -4.41 6.99
C CYS A 30 2.76 -5.75 7.27
N SER A 31 4.07 -5.72 7.36
CA SER A 31 4.83 -6.96 7.64
C SER A 31 4.28 -7.59 8.93
N GLU A 32 3.95 -6.79 9.90
CA GLU A 32 3.41 -7.35 11.17
C GLU A 32 2.16 -8.16 10.85
N ASN A 33 1.19 -7.55 10.22
CA ASN A 33 -0.05 -8.29 9.85
C ASN A 33 -1.10 -7.27 9.34
N PRO A 34 -2.00 -7.68 8.46
CA PRO A 34 -3.06 -6.78 7.93
C PRO A 34 -3.75 -5.96 9.04
N MET A 35 -3.46 -6.24 10.28
CA MET A 35 -4.11 -5.51 11.40
C MET A 35 -3.48 -4.12 11.55
N ASN A 36 -2.41 -3.86 10.83
CA ASN A 36 -1.75 -2.54 10.95
C ASN A 36 -2.64 -1.44 10.37
N ILE A 37 -3.40 -1.74 9.35
CA ILE A 37 -4.28 -0.71 8.75
C ILE A 37 -5.20 -0.13 9.82
N MET A 38 -5.57 -0.93 10.78
CA MET A 38 -6.46 -0.45 11.87
C MET A 38 -5.78 0.71 12.59
N LYS A 39 -4.53 0.95 12.30
CA LYS A 39 -3.79 2.08 12.95
C LYS A 39 -3.76 3.28 12.02
N TYR A 40 -3.47 3.07 10.76
CA TYR A 40 -3.42 4.20 9.79
C TYR A 40 -4.85 4.58 9.40
N GLN A 41 -5.82 3.97 10.02
CA GLN A 41 -7.24 4.30 9.68
C GLN A 41 -7.45 5.81 9.78
N ASN A 42 -6.69 6.46 10.62
CA ASN A 42 -6.83 7.94 10.76
C ASN A 42 -6.03 8.62 9.65
N ASP A 43 -5.03 7.95 9.13
CA ASP A 43 -4.22 8.54 8.04
C ASP A 43 -4.99 8.41 6.72
N LYS A 44 -5.85 9.37 6.43
CA LYS A 44 -6.65 9.30 5.19
C LYS A 44 -5.77 9.02 3.98
N GLU A 45 -4.53 9.42 4.02
CA GLU A 45 -3.63 9.17 2.86
C GLU A 45 -3.44 7.65 2.71
N VAL A 46 -3.04 6.99 3.76
CA VAL A 46 -2.84 5.52 3.67
C VAL A 46 -4.16 4.84 3.31
N MET A 47 -5.27 5.41 3.70
CA MET A 47 -6.58 4.79 3.39
C MET A 47 -6.77 4.74 1.88
N ASP A 48 -6.62 5.84 1.22
CA ASP A 48 -6.80 5.85 -0.26
C ASP A 48 -5.86 4.84 -0.91
N VAL A 49 -4.69 4.70 -0.37
CA VAL A 49 -3.68 3.78 -0.95
C VAL A 49 -4.01 2.33 -0.60
N PHE A 50 -4.15 2.05 0.66
CA PHE A 50 -4.45 0.65 1.07
C PHE A 50 -5.83 0.25 0.56
N ASN A 51 -6.70 1.20 0.35
CA ASN A 51 -8.06 0.88 -0.17
C ASN A 51 -7.95 0.68 -1.67
N LYS A 52 -6.97 1.29 -2.30
CA LYS A 52 -6.80 1.11 -3.76
C LYS A 52 -6.10 -0.23 -3.98
N ILE A 53 -5.05 -0.43 -3.24
CA ILE A 53 -4.27 -1.69 -3.34
C ILE A 53 -5.22 -2.89 -3.20
N SER A 54 -6.12 -2.84 -2.27
CA SER A 54 -7.05 -4.00 -2.06
C SER A 54 -8.19 -3.96 -3.08
N GLN A 55 -8.66 -2.81 -3.45
CA GLN A 55 -9.78 -2.74 -4.44
C GLN A 55 -9.29 -3.29 -5.78
N LEU A 56 -8.06 -3.00 -6.13
CA LEU A 56 -7.51 -3.49 -7.43
C LEU A 56 -6.82 -4.84 -7.22
N PHE A 57 -6.30 -5.08 -6.03
CA PHE A 57 -5.61 -6.39 -5.73
C PHE A 57 -6.29 -7.08 -4.55
N PRO A 58 -7.57 -7.32 -4.64
CA PRO A 58 -8.34 -8.00 -3.54
C PRO A 58 -7.82 -9.42 -3.30
N GLY A 59 -7.60 -10.18 -4.34
CA GLY A 59 -7.09 -11.57 -4.17
C GLY A 59 -5.58 -11.53 -3.97
N MET A 60 -4.98 -10.38 -4.11
CA MET A 60 -3.50 -10.25 -3.94
C MET A 60 -2.79 -11.27 -4.83
N THR A 61 -2.33 -10.84 -5.98
CA THR A 61 -1.63 -11.78 -6.90
C THR A 61 -0.35 -12.29 -6.22
N GLY A 62 0.45 -11.41 -5.70
CA GLY A 62 1.71 -11.85 -5.03
C GLY A 62 1.38 -12.80 -3.88
N PRO A 1 12.29 -6.81 -2.91
CA PRO A 1 10.91 -7.03 -3.40
C PRO A 1 10.71 -6.25 -4.71
N GLU A 2 11.77 -5.97 -5.42
CA GLU A 2 11.64 -5.22 -6.70
C GLU A 2 10.67 -5.95 -7.63
N GLU A 3 10.54 -7.24 -7.47
CA GLU A 3 9.61 -8.01 -8.34
C GLU A 3 8.19 -7.47 -8.17
N VAL A 4 7.75 -7.29 -6.96
CA VAL A 4 6.37 -6.77 -6.72
C VAL A 4 6.32 -5.28 -7.04
N ILE A 5 7.31 -4.53 -6.62
CA ILE A 5 7.29 -3.07 -6.93
C ILE A 5 7.08 -2.88 -8.43
N SER A 6 7.43 -3.87 -9.19
CA SER A 6 7.24 -3.78 -10.66
C SER A 6 5.74 -3.75 -10.97
N LYS A 7 4.96 -4.49 -10.24
CA LYS A 7 3.49 -4.52 -10.50
C LYS A 7 2.87 -3.18 -10.04
N ILE A 8 3.44 -2.59 -9.03
CA ILE A 8 2.89 -1.31 -8.51
C ILE A 8 3.25 -0.18 -9.47
N MET A 9 4.29 -0.35 -10.24
CA MET A 9 4.67 0.72 -11.21
C MET A 9 3.55 0.87 -12.25
N GLU A 10 2.58 0.00 -12.19
CA GLU A 10 1.45 0.07 -13.17
C GLU A 10 0.67 1.37 -12.96
N ASN A 11 0.54 1.80 -11.74
CA ASN A 11 -0.21 3.05 -11.43
C ASN A 11 0.75 4.10 -10.85
N PRO A 12 1.33 4.94 -11.66
CA PRO A 12 2.27 6.00 -11.17
C PRO A 12 1.71 6.72 -9.94
N ASP A 13 0.43 6.56 -9.70
CA ASP A 13 -0.20 7.21 -8.53
C ASP A 13 0.27 6.50 -7.25
N VAL A 14 0.30 5.19 -7.27
CA VAL A 14 0.76 4.44 -6.07
C VAL A 14 2.28 4.56 -5.99
N ALA A 15 2.94 4.42 -7.10
CA ALA A 15 4.42 4.53 -7.10
C ALA A 15 4.81 5.90 -6.54
N MET A 16 4.05 6.91 -6.86
CA MET A 16 4.35 8.27 -6.35
C MET A 16 3.92 8.33 -4.89
N ALA A 17 2.86 7.64 -4.55
CA ALA A 17 2.39 7.63 -3.15
C ALA A 17 3.38 6.83 -2.32
N PHE A 18 3.95 5.82 -2.92
CA PHE A 18 4.96 5.00 -2.19
C PHE A 18 6.05 5.93 -1.63
N GLN A 19 6.15 7.11 -2.17
CA GLN A 19 7.18 8.08 -1.69
C GLN A 19 6.58 8.94 -0.56
N ASN A 20 5.59 8.44 0.13
CA ASN A 20 4.97 9.20 1.24
C ASN A 20 5.32 8.48 2.56
N PRO A 21 5.49 9.20 3.64
CA PRO A 21 5.86 8.57 4.94
C PRO A 21 4.70 7.73 5.52
N ARG A 22 3.52 8.27 5.50
CA ARG A 22 2.34 7.51 6.03
C ARG A 22 2.21 6.20 5.26
N VAL A 23 2.46 6.25 3.97
CA VAL A 23 2.36 5.01 3.14
C VAL A 23 3.56 4.11 3.41
N GLN A 24 4.75 4.64 3.30
CA GLN A 24 5.96 3.82 3.57
C GLN A 24 5.80 3.18 4.95
N ALA A 25 5.19 3.89 5.85
CA ALA A 25 4.97 3.36 7.21
C ALA A 25 3.87 2.31 7.15
N ALA A 26 2.95 2.47 6.25
CA ALA A 26 1.85 1.48 6.13
C ALA A 26 2.42 0.15 5.62
N LEU A 27 3.24 0.21 4.61
CA LEU A 27 3.86 -1.04 4.06
C LEU A 27 4.89 -1.57 5.06
N MET A 28 5.77 -0.71 5.53
CA MET A 28 6.78 -1.18 6.51
C MET A 28 6.06 -1.79 7.71
N GLU A 29 4.99 -1.16 8.13
CA GLU A 29 4.23 -1.70 9.30
C GLU A 29 3.42 -2.93 8.87
N CYS A 30 3.05 -3.03 7.62
CA CYS A 30 2.26 -4.23 7.19
C CYS A 30 3.05 -5.51 7.52
N SER A 31 4.35 -5.45 7.43
CA SER A 31 5.18 -6.65 7.73
C SER A 31 4.78 -7.22 9.10
N GLU A 32 4.31 -6.39 9.99
CA GLU A 32 3.90 -6.89 11.33
C GLU A 32 2.65 -7.77 11.19
N ASN A 33 1.61 -7.24 10.60
CA ASN A 33 0.35 -8.03 10.43
C ASN A 33 -0.76 -7.08 9.92
N PRO A 34 -1.81 -7.61 9.35
CA PRO A 34 -2.95 -6.78 8.84
C PRO A 34 -3.39 -5.71 9.83
N MET A 35 -2.90 -5.76 11.04
CA MET A 35 -3.29 -4.74 12.06
C MET A 35 -2.78 -3.38 11.61
N ASN A 36 -2.00 -3.34 10.58
CA ASN A 36 -1.46 -2.04 10.10
C ASN A 36 -2.62 -1.11 9.74
N ILE A 37 -3.43 -1.51 8.80
CA ILE A 37 -4.57 -0.65 8.39
C ILE A 37 -5.49 -0.39 9.58
N MET A 38 -5.63 -1.35 10.45
CA MET A 38 -6.52 -1.16 11.63
C MET A 38 -6.03 0.06 12.42
N LYS A 39 -4.82 0.48 12.19
CA LYS A 39 -4.26 1.66 12.92
C LYS A 39 -4.34 2.91 12.03
N TYR A 40 -3.96 2.78 10.79
CA TYR A 40 -4.02 3.95 9.86
C TYR A 40 -5.46 4.19 9.44
N GLN A 41 -6.38 3.47 10.01
CA GLN A 41 -7.82 3.65 9.65
C GLN A 41 -8.18 5.12 9.77
N ASN A 42 -7.42 5.88 10.53
CA ASN A 42 -7.70 7.33 10.68
C ASN A 42 -6.92 8.10 9.63
N ASP A 43 -5.88 7.51 9.08
CA ASP A 43 -5.08 8.22 8.04
C ASP A 43 -5.76 8.05 6.67
N LYS A 44 -6.65 8.94 6.34
CA LYS A 44 -7.38 8.83 5.05
C LYS A 44 -6.39 8.63 3.90
N GLU A 45 -5.19 9.13 4.02
CA GLU A 45 -4.20 8.96 2.92
C GLU A 45 -3.88 7.46 2.75
N VAL A 46 -3.53 6.80 3.82
CA VAL A 46 -3.20 5.36 3.74
C VAL A 46 -4.45 4.57 3.35
N MET A 47 -5.59 5.00 3.80
CA MET A 47 -6.83 4.26 3.45
C MET A 47 -7.02 4.28 1.94
N ASP A 48 -6.87 5.42 1.34
CA ASP A 48 -7.04 5.51 -0.13
C ASP A 48 -5.98 4.66 -0.83
N VAL A 49 -4.82 4.58 -0.25
CA VAL A 49 -3.71 3.78 -0.87
C VAL A 49 -3.93 2.28 -0.63
N PHE A 50 -4.07 1.91 0.60
CA PHE A 50 -4.27 0.47 0.93
C PHE A 50 -5.62 0.01 0.37
N ASN A 51 -6.55 0.90 0.22
CA ASN A 51 -7.87 0.51 -0.34
C ASN A 51 -7.73 0.40 -1.85
N LYS A 52 -6.78 1.12 -2.43
CA LYS A 52 -6.59 1.04 -3.89
C LYS A 52 -5.80 -0.24 -4.17
N ILE A 53 -4.76 -0.43 -3.44
CA ILE A 53 -3.91 -1.63 -3.59
C ILE A 53 -4.81 -2.88 -3.55
N SER A 54 -5.76 -2.90 -2.67
CA SER A 54 -6.66 -4.09 -2.54
C SER A 54 -7.76 -4.08 -3.61
N GLN A 55 -8.14 -2.94 -4.11
CA GLN A 55 -9.23 -2.90 -5.14
C GLN A 55 -8.67 -3.41 -6.46
N LEU A 56 -7.41 -3.15 -6.71
CA LEU A 56 -6.79 -3.60 -7.99
C LEU A 56 -5.99 -4.89 -7.75
N PHE A 57 -5.56 -5.11 -6.53
CA PHE A 57 -4.77 -6.36 -6.20
C PHE A 57 -5.46 -7.11 -5.04
N PRO A 58 -6.73 -7.39 -5.16
CA PRO A 58 -7.50 -8.11 -4.10
C PRO A 58 -7.00 -9.56 -3.93
N GLY A 59 -6.05 -9.96 -4.72
CA GLY A 59 -5.52 -11.35 -4.60
C GLY A 59 -4.55 -11.64 -5.74
N MET A 60 -3.30 -11.30 -5.58
CA MET A 60 -2.30 -11.55 -6.65
C MET A 60 -0.89 -11.34 -6.10
N THR A 61 -0.59 -10.15 -5.66
CA THR A 61 0.76 -9.88 -5.10
C THR A 61 1.04 -10.83 -3.93
N GLY A 62 0.01 -11.34 -3.32
CA GLY A 62 0.21 -12.27 -2.17
C GLY A 62 1.01 -13.49 -2.64
N PRO A 1 13.44 -4.49 -1.93
CA PRO A 1 12.04 -4.80 -2.36
C PRO A 1 11.88 -4.45 -3.84
N GLU A 2 12.96 -4.40 -4.57
CA GLU A 2 12.87 -4.06 -6.02
C GLU A 2 11.94 -5.07 -6.71
N GLU A 3 11.82 -6.24 -6.17
CA GLU A 3 10.93 -7.26 -6.79
C GLU A 3 9.49 -6.75 -6.83
N VAL A 4 8.97 -6.32 -5.71
CA VAL A 4 7.56 -5.82 -5.69
C VAL A 4 7.48 -4.47 -6.40
N ILE A 5 8.36 -3.56 -6.07
CA ILE A 5 8.32 -2.22 -6.72
C ILE A 5 8.27 -2.40 -8.24
N SER A 6 8.75 -3.50 -8.73
CA SER A 6 8.71 -3.72 -10.19
C SER A 6 7.26 -3.93 -10.61
N LYS A 7 6.48 -4.61 -9.81
CA LYS A 7 5.05 -4.84 -10.17
C LYS A 7 4.23 -3.55 -9.94
N ILE A 8 4.62 -2.73 -9.00
CA ILE A 8 3.87 -1.47 -8.74
C ILE A 8 3.82 -0.62 -10.01
N MET A 9 4.76 -0.81 -10.90
CA MET A 9 4.78 -0.01 -12.16
C MET A 9 3.45 -0.20 -12.89
N GLU A 10 2.62 -1.09 -12.42
CA GLU A 10 1.31 -1.33 -13.08
C GLU A 10 0.41 -0.10 -12.90
N ASN A 11 0.79 0.79 -12.04
CA ASN A 11 -0.04 2.01 -11.80
C ASN A 11 0.84 3.12 -11.21
N PRO A 12 1.45 3.95 -12.02
CA PRO A 12 2.32 5.06 -11.53
C PRO A 12 1.66 5.82 -10.38
N ASP A 13 0.40 5.61 -10.16
CA ASP A 13 -0.31 6.31 -9.06
C ASP A 13 0.15 5.73 -7.72
N VAL A 14 0.29 4.43 -7.65
CA VAL A 14 0.75 3.79 -6.39
C VAL A 14 2.25 4.04 -6.24
N ALA A 15 2.96 3.99 -7.33
CA ALA A 15 4.42 4.25 -7.27
C ALA A 15 4.65 5.65 -6.73
N MET A 16 3.79 6.57 -7.09
CA MET A 16 3.93 7.97 -6.60
C MET A 16 3.46 8.01 -5.15
N ALA A 17 2.46 7.25 -4.84
CA ALA A 17 1.95 7.22 -3.44
C ALA A 17 3.00 6.52 -2.58
N PHE A 18 3.68 5.57 -3.15
CA PHE A 18 4.74 4.85 -2.40
C PHE A 18 5.77 5.88 -1.90
N GLN A 19 5.81 7.03 -2.52
CA GLN A 19 6.79 8.08 -2.09
C GLN A 19 6.22 8.88 -0.93
N ASN A 20 5.24 8.35 -0.25
CA ASN A 20 4.63 9.07 0.92
C ASN A 20 5.05 8.33 2.19
N PRO A 21 5.29 9.02 3.28
CA PRO A 21 5.71 8.36 4.55
C PRO A 21 4.58 7.53 5.17
N ARG A 22 3.40 8.09 5.24
CA ARG A 22 2.26 7.34 5.82
C ARG A 22 2.05 6.05 5.04
N VAL A 23 2.29 6.08 3.76
CA VAL A 23 2.12 4.85 2.93
C VAL A 23 3.29 3.90 3.19
N GLN A 24 4.50 4.39 3.06
CA GLN A 24 5.67 3.51 3.32
C GLN A 24 5.55 2.92 4.73
N ALA A 25 4.99 3.68 5.63
CA ALA A 25 4.80 3.18 7.02
C ALA A 25 3.72 2.11 7.03
N ALA A 26 2.72 2.27 6.19
CA ALA A 26 1.63 1.26 6.13
C ALA A 26 2.20 -0.03 5.55
N LEU A 27 2.95 0.06 4.48
CA LEU A 27 3.53 -1.16 3.86
C LEU A 27 4.58 -1.75 4.80
N MET A 28 5.49 -0.95 5.28
CA MET A 28 6.53 -1.48 6.21
C MET A 28 5.82 -2.09 7.41
N GLU A 29 4.80 -1.44 7.89
CA GLU A 29 4.04 -1.99 9.05
C GLU A 29 3.21 -3.18 8.58
N CYS A 30 2.75 -3.16 7.34
CA CYS A 30 1.94 -4.30 6.84
C CYS A 30 2.71 -5.60 7.09
N SER A 31 4.03 -5.51 7.15
CA SER A 31 4.85 -6.71 7.42
C SER A 31 4.32 -7.41 8.66
N GLU A 32 3.90 -6.67 9.64
CA GLU A 32 3.36 -7.31 10.88
C GLU A 32 2.19 -8.21 10.48
N ASN A 33 1.21 -7.66 9.82
CA ASN A 33 0.05 -8.48 9.38
C ASN A 33 -1.04 -7.55 8.83
N PRO A 34 -1.87 -8.01 7.92
CA PRO A 34 -2.98 -7.18 7.36
C PRO A 34 -3.79 -6.48 8.46
N MET A 35 -3.53 -6.80 9.70
CA MET A 35 -4.30 -6.16 10.82
C MET A 35 -3.82 -4.73 11.02
N ASN A 36 -2.76 -4.36 10.35
CA ASN A 36 -2.21 -3.00 10.51
C ASN A 36 -3.12 -1.96 9.87
N ILE A 37 -3.83 -2.32 8.83
CA ILE A 37 -4.73 -1.32 8.17
C ILE A 37 -5.76 -0.82 9.20
N MET A 38 -6.18 -1.66 10.10
CA MET A 38 -7.17 -1.23 11.12
C MET A 38 -6.61 -0.03 11.88
N LYS A 39 -5.31 0.16 11.86
CA LYS A 39 -4.69 1.30 12.59
C LYS A 39 -4.70 2.54 11.69
N TYR A 40 -4.32 2.39 10.45
CA TYR A 40 -4.29 3.56 9.54
C TYR A 40 -5.73 3.90 9.11
N GLN A 41 -6.69 3.24 9.67
CA GLN A 41 -8.11 3.53 9.28
C GLN A 41 -8.39 5.02 9.51
N ASN A 42 -7.63 5.65 10.37
CA ASN A 42 -7.82 7.10 10.63
C ASN A 42 -7.03 7.89 9.58
N ASP A 43 -6.04 7.27 9.00
CA ASP A 43 -5.21 7.96 7.97
C ASP A 43 -5.93 7.86 6.61
N LYS A 44 -6.83 8.76 6.34
CA LYS A 44 -7.59 8.72 5.06
C LYS A 44 -6.63 8.57 3.88
N GLU A 45 -5.41 9.01 4.01
CA GLU A 45 -4.45 8.87 2.88
C GLU A 45 -4.17 7.39 2.65
N VAL A 46 -3.78 6.68 3.67
CA VAL A 46 -3.50 5.23 3.52
C VAL A 46 -4.76 4.51 3.04
N MET A 47 -5.90 5.00 3.41
CA MET A 47 -7.16 4.33 2.99
C MET A 47 -7.28 4.36 1.47
N ASP A 48 -7.14 5.51 0.88
CA ASP A 48 -7.26 5.60 -0.61
C ASP A 48 -6.24 4.67 -1.25
N VAL A 49 -5.09 4.56 -0.65
CA VAL A 49 -4.01 3.72 -1.22
C VAL A 49 -4.29 2.24 -0.98
N PHE A 50 -4.48 1.87 0.24
CA PHE A 50 -4.74 0.44 0.57
C PHE A 50 -6.07 0.02 -0.06
N ASN A 51 -6.96 0.94 -0.26
CA ASN A 51 -8.27 0.59 -0.89
C ASN A 51 -8.06 0.49 -2.40
N LYS A 52 -7.08 1.19 -2.90
CA LYS A 52 -6.80 1.12 -4.37
C LYS A 52 -6.03 -0.17 -4.63
N ILE A 53 -5.06 -0.42 -3.80
CA ILE A 53 -4.24 -1.65 -3.93
C ILE A 53 -5.16 -2.87 -3.98
N SER A 54 -6.12 -2.92 -3.10
CA SER A 54 -7.04 -4.09 -3.05
C SER A 54 -8.11 -4.01 -4.14
N GLN A 55 -8.58 -2.83 -4.45
CA GLN A 55 -9.64 -2.72 -5.51
C GLN A 55 -9.06 -3.17 -6.85
N LEU A 56 -7.82 -2.87 -7.12
CA LEU A 56 -7.20 -3.28 -8.42
C LEU A 56 -6.51 -4.64 -8.26
N PHE A 57 -5.94 -4.94 -7.12
CA PHE A 57 -5.28 -6.28 -6.93
C PHE A 57 -5.26 -6.69 -5.45
N PRO A 58 -6.28 -7.35 -4.97
CA PRO A 58 -6.36 -7.83 -3.57
C PRO A 58 -5.85 -9.27 -3.42
N GLY A 59 -4.65 -9.53 -3.89
CA GLY A 59 -4.09 -10.91 -3.77
C GLY A 59 -2.63 -10.90 -4.23
N MET A 60 -1.84 -9.97 -3.73
CA MET A 60 -0.40 -9.90 -4.13
C MET A 60 0.44 -9.67 -2.88
N THR A 61 0.57 -8.45 -2.44
CA THR A 61 1.37 -8.16 -1.22
C THR A 61 0.68 -8.75 0.00
N GLY A 62 -0.63 -8.79 -0.01
CA GLY A 62 -1.36 -9.36 1.16
C GLY A 62 -1.11 -10.87 1.24
N PRO A 1 13.98 -3.92 -3.52
CA PRO A 1 12.56 -4.27 -3.77
C PRO A 1 12.19 -3.89 -5.22
N GLU A 2 13.18 -3.76 -6.07
CA GLU A 2 12.90 -3.40 -7.48
C GLU A 2 11.92 -4.41 -8.10
N GLU A 3 11.90 -5.61 -7.58
CA GLU A 3 10.98 -6.64 -8.13
C GLU A 3 9.53 -6.19 -7.94
N VAL A 4 9.14 -5.88 -6.74
CA VAL A 4 7.74 -5.44 -6.50
C VAL A 4 7.50 -4.07 -7.14
N ILE A 5 8.37 -3.12 -6.90
CA ILE A 5 8.20 -1.77 -7.49
C ILE A 5 7.95 -1.91 -8.99
N SER A 6 8.40 -2.98 -9.58
CA SER A 6 8.18 -3.17 -11.03
C SER A 6 6.68 -3.40 -11.26
N LYS A 7 6.04 -4.11 -10.36
CA LYS A 7 4.57 -4.37 -10.53
C LYS A 7 3.77 -3.11 -10.17
N ILE A 8 4.27 -2.31 -9.26
CA ILE A 8 3.53 -1.07 -8.86
C ILE A 8 3.41 -0.13 -10.07
N MET A 9 4.19 -0.35 -11.09
CA MET A 9 4.12 0.54 -12.29
C MET A 9 2.71 0.46 -12.91
N GLU A 10 1.89 -0.43 -12.41
CA GLU A 10 0.52 -0.56 -12.97
C GLU A 10 -0.29 0.70 -12.65
N ASN A 11 0.21 1.51 -11.76
CA ASN A 11 -0.53 2.75 -11.38
C ASN A 11 0.46 3.76 -10.78
N PRO A 12 1.05 4.62 -11.59
CA PRO A 12 2.02 5.64 -11.09
C PRO A 12 1.52 6.34 -9.82
N ASP A 13 0.26 6.17 -9.50
CA ASP A 13 -0.30 6.82 -8.28
C ASP A 13 0.25 6.12 -7.04
N VAL A 14 0.30 4.81 -7.05
CA VAL A 14 0.84 4.06 -5.88
C VAL A 14 2.36 4.21 -5.88
N ALA A 15 2.95 4.18 -7.03
CA ALA A 15 4.43 4.32 -7.11
C ALA A 15 4.81 5.68 -6.53
N MET A 16 4.03 6.69 -6.79
CA MET A 16 4.35 8.05 -6.26
C MET A 16 3.93 8.10 -4.79
N ALA A 17 2.87 7.45 -4.45
CA ALA A 17 2.40 7.45 -3.04
C ALA A 17 3.41 6.68 -2.20
N PHE A 18 4.03 5.70 -2.80
CA PHE A 18 5.05 4.90 -2.07
C PHE A 18 6.09 5.84 -1.44
N GLN A 19 6.26 7.02 -1.99
CA GLN A 19 7.27 7.98 -1.42
C GLN A 19 6.65 8.79 -0.28
N ASN A 20 5.62 8.26 0.34
CA ASN A 20 4.97 8.99 1.47
C ASN A 20 5.33 8.23 2.77
N PRO A 21 5.54 8.92 3.86
CA PRO A 21 5.91 8.23 5.14
C PRO A 21 4.73 7.43 5.71
N ARG A 22 3.56 8.00 5.69
CA ARG A 22 2.38 7.26 6.22
C ARG A 22 2.18 5.98 5.41
N VAL A 23 2.47 6.04 4.14
CA VAL A 23 2.33 4.83 3.26
C VAL A 23 3.48 3.86 3.55
N GLN A 24 4.69 4.33 3.49
CA GLN A 24 5.85 3.45 3.77
C GLN A 24 5.64 2.81 5.15
N ALA A 25 5.05 3.54 6.05
CA ALA A 25 4.78 2.99 7.41
C ALA A 25 3.69 1.94 7.32
N ALA A 26 2.77 2.10 6.41
CA ALA A 26 1.67 1.12 6.27
C ALA A 26 2.26 -0.19 5.73
N LEU A 27 3.09 -0.13 4.74
CA LEU A 27 3.71 -1.36 4.19
C LEU A 27 4.72 -1.91 5.19
N MET A 28 5.56 -1.05 5.72
CA MET A 28 6.57 -1.52 6.71
C MET A 28 5.82 -2.18 7.88
N GLU A 29 4.74 -1.60 8.29
CA GLU A 29 3.95 -2.19 9.41
C GLU A 29 3.20 -3.42 8.89
N CYS A 30 2.86 -3.43 7.62
CA CYS A 30 2.13 -4.61 7.07
C CYS A 30 2.93 -5.88 7.33
N SER A 31 4.23 -5.81 7.19
CA SER A 31 5.07 -7.02 7.43
C SER A 31 4.73 -7.63 8.80
N GLU A 32 4.28 -6.83 9.72
CA GLU A 32 3.94 -7.37 11.06
C GLU A 32 2.68 -8.24 10.98
N ASN A 33 1.61 -7.67 10.48
CA ASN A 33 0.34 -8.45 10.35
C ASN A 33 -0.77 -7.50 9.87
N PRO A 34 -1.83 -8.01 9.29
CA PRO A 34 -2.97 -7.16 8.80
C PRO A 34 -3.40 -6.11 9.84
N MET A 35 -2.89 -6.20 11.04
CA MET A 35 -3.27 -5.20 12.09
C MET A 35 -2.73 -3.83 11.69
N ASN A 36 -1.93 -3.79 10.66
CA ASN A 36 -1.36 -2.49 10.21
C ASN A 36 -2.50 -1.51 9.92
N ILE A 37 -3.41 -1.91 9.06
CA ILE A 37 -4.55 -1.02 8.71
C ILE A 37 -5.45 -0.81 9.93
N MET A 38 -5.40 -1.72 10.87
CA MET A 38 -6.25 -1.56 12.08
C MET A 38 -5.69 -0.44 12.96
N LYS A 39 -4.96 0.48 12.36
CA LYS A 39 -4.37 1.61 13.15
C LYS A 39 -4.34 2.86 12.26
N TYR A 40 -4.05 2.71 11.00
CA TYR A 40 -4.01 3.88 10.08
C TYR A 40 -5.43 4.22 9.63
N GLN A 41 -6.41 3.52 10.15
CA GLN A 41 -7.82 3.80 9.75
C GLN A 41 -8.10 5.30 9.90
N ASN A 42 -7.35 5.96 10.74
CA ASN A 42 -7.54 7.43 10.93
C ASN A 42 -6.73 8.17 9.87
N ASP A 43 -5.71 7.54 9.35
CA ASP A 43 -4.88 8.20 8.29
C ASP A 43 -5.60 8.07 6.94
N LYS A 44 -6.45 9.01 6.63
CA LYS A 44 -7.20 8.96 5.35
C LYS A 44 -6.25 8.70 4.18
N GLU A 45 -5.02 9.12 4.29
CA GLU A 45 -4.06 8.89 3.17
C GLU A 45 -3.83 7.38 3.00
N VAL A 46 -3.46 6.71 4.06
CA VAL A 46 -3.23 5.25 3.96
C VAL A 46 -4.51 4.53 3.56
N MET A 47 -5.64 5.05 3.95
CA MET A 47 -6.92 4.38 3.59
C MET A 47 -7.10 4.34 2.08
N ASP A 48 -6.95 5.46 1.44
CA ASP A 48 -7.11 5.51 -0.04
C ASP A 48 -6.07 4.61 -0.71
N VAL A 49 -4.92 4.52 -0.11
CA VAL A 49 -3.82 3.71 -0.70
C VAL A 49 -4.04 2.23 -0.43
N PHE A 50 -4.19 1.87 0.81
CA PHE A 50 -4.40 0.44 1.14
C PHE A 50 -5.75 -0.02 0.60
N ASN A 51 -6.67 0.88 0.45
CA ASN A 51 -8.00 0.49 -0.09
C ASN A 51 -7.88 0.38 -1.61
N LYS A 52 -6.96 1.10 -2.19
CA LYS A 52 -6.78 1.01 -3.66
C LYS A 52 -5.95 -0.22 -3.96
N ILE A 53 -4.97 -0.45 -3.14
CA ILE A 53 -4.08 -1.63 -3.31
C ILE A 53 -4.92 -2.90 -3.25
N SER A 54 -5.88 -2.94 -2.38
CA SER A 54 -6.72 -4.17 -2.23
C SER A 54 -7.84 -4.24 -3.28
N GLN A 55 -8.37 -3.12 -3.70
CA GLN A 55 -9.49 -3.15 -4.68
C GLN A 55 -8.99 -3.25 -6.12
N LEU A 56 -7.91 -2.60 -6.44
CA LEU A 56 -7.39 -2.63 -7.85
C LEU A 56 -6.51 -3.87 -8.06
N PHE A 57 -6.40 -4.71 -7.07
CA PHE A 57 -5.54 -5.93 -7.19
C PHE A 57 -6.35 -7.18 -6.82
N PRO A 58 -7.46 -7.39 -7.48
CA PRO A 58 -8.34 -8.57 -7.20
C PRO A 58 -7.66 -9.90 -7.58
N GLY A 59 -7.73 -10.88 -6.74
CA GLY A 59 -7.08 -12.19 -7.06
C GLY A 59 -5.56 -12.05 -6.92
N MET A 60 -5.09 -10.85 -6.70
CA MET A 60 -3.61 -10.64 -6.55
C MET A 60 -2.88 -11.27 -7.75
N THR A 61 -2.55 -10.47 -8.73
CA THR A 61 -1.84 -11.02 -9.92
C THR A 61 -0.51 -11.66 -9.48
N GLY A 62 0.28 -10.93 -8.73
CA GLY A 62 1.57 -11.49 -8.26
C GLY A 62 1.32 -12.63 -7.27
N PRO A 1 11.04 -4.02 -2.53
CA PRO A 1 12.09 -4.71 -3.34
C PRO A 1 11.89 -4.38 -4.81
N GLU A 2 12.92 -4.54 -5.61
CA GLU A 2 12.79 -4.23 -7.06
C GLU A 2 11.78 -5.20 -7.69
N GLU A 3 11.78 -6.44 -7.25
CA GLU A 3 10.83 -7.43 -7.83
C GLU A 3 9.39 -6.95 -7.63
N VAL A 4 9.00 -6.67 -6.42
CA VAL A 4 7.60 -6.21 -6.18
C VAL A 4 7.41 -4.79 -6.71
N ILE A 5 8.28 -3.89 -6.36
CA ILE A 5 8.13 -2.49 -6.86
C ILE A 5 7.92 -2.48 -8.37
N SER A 6 8.37 -3.51 -9.03
CA SER A 6 8.18 -3.57 -10.51
C SER A 6 6.69 -3.82 -10.79
N LYS A 7 6.06 -4.62 -9.99
CA LYS A 7 4.61 -4.92 -10.23
C LYS A 7 3.75 -3.70 -9.83
N ILE A 8 4.19 -2.93 -8.86
CA ILE A 8 3.41 -1.74 -8.44
C ILE A 8 3.27 -0.78 -9.63
N MET A 9 4.18 -0.82 -10.55
CA MET A 9 4.10 0.07 -11.74
C MET A 9 2.79 -0.17 -12.47
N GLU A 10 2.06 -1.17 -12.06
CA GLU A 10 0.76 -1.47 -12.72
C GLU A 10 -0.20 -0.29 -12.55
N ASN A 11 0.13 0.62 -11.67
CA ASN A 11 -0.76 1.81 -11.45
C ASN A 11 0.11 2.99 -10.97
N PRO A 12 0.59 3.81 -11.87
CA PRO A 12 1.44 4.98 -11.49
C PRO A 12 0.86 5.75 -10.29
N ASP A 13 -0.38 5.49 -9.97
CA ASP A 13 -1.03 6.17 -8.82
C ASP A 13 -0.44 5.62 -7.52
N VAL A 14 -0.25 4.33 -7.46
CA VAL A 14 0.32 3.71 -6.23
C VAL A 14 1.82 3.96 -6.22
N ALA A 15 2.44 3.90 -7.35
CA ALA A 15 3.90 4.16 -7.42
C ALA A 15 4.17 5.57 -6.92
N MET A 16 3.29 6.48 -7.22
CA MET A 16 3.47 7.89 -6.76
C MET A 16 3.13 7.94 -5.28
N ALA A 17 2.16 7.19 -4.87
CA ALA A 17 1.76 7.17 -3.44
C ALA A 17 2.88 6.48 -2.66
N PHE A 18 3.51 5.52 -3.28
CA PHE A 18 4.62 4.82 -2.60
C PHE A 18 5.68 5.85 -2.16
N GLN A 19 5.68 6.99 -2.80
CA GLN A 19 6.68 8.06 -2.45
C GLN A 19 6.08 8.98 -1.37
N ASN A 20 5.17 8.49 -0.58
CA ASN A 20 4.55 9.33 0.50
C ASN A 20 5.01 8.76 1.85
N PRO A 21 5.20 9.59 2.85
CA PRO A 21 5.66 9.11 4.19
C PRO A 21 4.59 8.29 4.91
N ARG A 22 3.38 8.75 4.91
CA ARG A 22 2.28 7.98 5.59
C ARG A 22 2.18 6.59 4.96
N VAL A 23 2.40 6.50 3.68
CA VAL A 23 2.33 5.19 2.98
C VAL A 23 3.58 4.38 3.32
N GLN A 24 4.75 4.95 3.14
CA GLN A 24 6.01 4.23 3.47
C GLN A 24 5.88 3.70 4.90
N ALA A 25 5.21 4.44 5.74
CA ALA A 25 5.01 3.99 7.15
C ALA A 25 4.01 2.83 7.17
N ALA A 26 3.04 2.88 6.29
CA ALA A 26 2.05 1.77 6.25
C ALA A 26 2.76 0.50 5.78
N LEU A 27 3.62 0.61 4.81
CA LEU A 27 4.36 -0.59 4.32
C LEU A 27 5.39 -0.98 5.38
N MET A 28 6.07 -0.03 5.95
CA MET A 28 7.08 -0.36 7.00
C MET A 28 6.36 -1.07 8.15
N GLU A 29 5.21 -0.59 8.53
CA GLU A 29 4.46 -1.24 9.64
C GLU A 29 3.85 -2.54 9.11
N CYS A 30 3.55 -2.59 7.84
CA CYS A 30 2.95 -3.84 7.27
C CYS A 30 3.92 -5.01 7.51
N SER A 31 5.19 -4.77 7.40
CA SER A 31 6.18 -5.86 7.61
C SER A 31 5.91 -6.56 8.95
N GLU A 32 5.39 -5.85 9.91
CA GLU A 32 5.11 -6.48 11.23
C GLU A 32 3.90 -7.41 11.11
N ASN A 33 2.79 -6.91 10.64
CA ASN A 33 1.58 -7.78 10.49
C ASN A 33 0.39 -6.90 10.04
N PRO A 34 -0.66 -7.51 9.54
CA PRO A 34 -1.88 -6.76 9.08
C PRO A 34 -2.32 -5.67 10.08
N MET A 35 -1.74 -5.66 11.25
CA MET A 35 -2.12 -4.65 12.26
C MET A 35 -1.79 -3.25 11.74
N ASN A 36 -1.10 -3.20 10.62
CA ASN A 36 -0.73 -1.88 10.06
C ASN A 36 -2.00 -1.06 9.78
N ILE A 37 -2.88 -1.60 8.98
CA ILE A 37 -4.12 -0.87 8.64
C ILE A 37 -5.01 -0.72 9.88
N MET A 38 -4.84 -1.58 10.86
CA MET A 38 -5.69 -1.48 12.08
C MET A 38 -5.42 -0.18 12.84
N LYS A 39 -4.89 0.82 12.19
CA LYS A 39 -4.62 2.11 12.88
C LYS A 39 -4.61 3.26 11.86
N TYR A 40 -4.16 3.01 10.66
CA TYR A 40 -4.15 4.09 9.63
C TYR A 40 -5.56 4.28 9.09
N GLN A 41 -6.51 3.50 9.54
CA GLN A 41 -7.90 3.65 9.05
C GLN A 41 -8.32 5.11 9.20
N ASN A 42 -7.61 5.86 10.00
CA ASN A 42 -7.94 7.30 10.20
C ASN A 42 -7.13 8.13 9.19
N ASP A 43 -5.99 7.62 8.79
CA ASP A 43 -5.14 8.35 7.81
C ASP A 43 -5.79 8.25 6.42
N LYS A 44 -6.61 9.21 6.07
CA LYS A 44 -7.31 9.17 4.76
C LYS A 44 -6.32 8.90 3.63
N GLU A 45 -5.07 9.25 3.80
CA GLU A 45 -4.08 8.99 2.72
C GLU A 45 -3.86 7.48 2.58
N VAL A 46 -3.54 6.83 3.67
CA VAL A 46 -3.31 5.36 3.61
C VAL A 46 -4.60 4.66 3.22
N MET A 47 -5.72 5.21 3.57
CA MET A 47 -7.02 4.55 3.22
C MET A 47 -7.14 4.45 1.71
N ASP A 48 -7.00 5.54 1.02
CA ASP A 48 -7.11 5.52 -0.47
C ASP A 48 -6.09 4.54 -1.05
N VAL A 49 -4.96 4.45 -0.44
CA VAL A 49 -3.89 3.56 -0.96
C VAL A 49 -4.18 2.09 -0.61
N PHE A 50 -4.38 1.81 0.64
CA PHE A 50 -4.65 0.42 1.06
C PHE A 50 -5.99 -0.03 0.49
N ASN A 51 -6.88 0.90 0.26
CA ASN A 51 -8.21 0.53 -0.33
C ASN A 51 -8.02 0.32 -1.82
N LYS A 52 -7.04 0.96 -2.40
CA LYS A 52 -6.80 0.78 -3.85
C LYS A 52 -6.05 -0.53 -4.04
N ILE A 53 -5.03 -0.71 -3.26
CA ILE A 53 -4.23 -1.95 -3.33
C ILE A 53 -5.16 -3.16 -3.25
N SER A 54 -6.12 -3.12 -2.37
CA SER A 54 -7.05 -4.28 -2.22
C SER A 54 -8.15 -4.27 -3.28
N GLN A 55 -8.51 -3.13 -3.81
CA GLN A 55 -9.60 -3.11 -4.85
C GLN A 55 -9.02 -3.61 -6.17
N LEU A 56 -7.78 -3.30 -6.44
CA LEU A 56 -7.15 -3.75 -7.71
C LEU A 56 -6.47 -5.11 -7.47
N PHE A 57 -6.04 -5.37 -6.25
CA PHE A 57 -5.37 -6.68 -5.94
C PHE A 57 -6.16 -7.41 -4.83
N PRO A 58 -7.43 -7.65 -5.03
CA PRO A 58 -8.28 -8.36 -4.03
C PRO A 58 -7.81 -9.81 -3.81
N GLY A 59 -6.66 -10.15 -4.32
CA GLY A 59 -6.13 -11.54 -4.15
C GLY A 59 -4.64 -11.56 -4.48
N MET A 60 -3.96 -10.46 -4.27
CA MET A 60 -2.50 -10.41 -4.56
C MET A 60 -2.26 -10.87 -6.00
N THR A 61 -3.05 -10.39 -6.93
CA THR A 61 -2.86 -10.80 -8.36
C THR A 61 -2.83 -12.32 -8.47
N GLY A 62 -3.97 -12.96 -8.37
CA GLY A 62 -4.00 -14.44 -8.47
C GLY A 62 -3.43 -14.88 -9.82
N PRO A 1 13.10 -6.47 -3.66
CA PRO A 1 11.64 -6.34 -3.93
C PRO A 1 11.43 -5.69 -5.29
N GLU A 2 12.41 -5.76 -6.15
CA GLU A 2 12.25 -5.15 -7.50
C GLU A 2 11.06 -5.80 -8.21
N GLU A 3 10.73 -7.01 -7.85
CA GLU A 3 9.60 -7.72 -8.51
C GLU A 3 8.27 -7.03 -8.17
N VAL A 4 7.94 -6.95 -6.91
CA VAL A 4 6.65 -6.29 -6.56
C VAL A 4 6.73 -4.82 -6.96
N ILE A 5 7.78 -4.15 -6.59
CA ILE A 5 7.92 -2.71 -6.95
C ILE A 5 7.72 -2.54 -8.46
N SER A 6 8.09 -3.52 -9.25
CA SER A 6 7.92 -3.38 -10.72
C SER A 6 6.43 -3.33 -11.06
N LYS A 7 5.61 -4.08 -10.37
CA LYS A 7 4.15 -4.08 -10.68
C LYS A 7 3.50 -2.77 -10.22
N ILE A 8 4.01 -2.17 -9.18
CA ILE A 8 3.41 -0.88 -8.69
C ILE A 8 3.46 0.15 -9.82
N MET A 9 4.44 0.07 -10.67
CA MET A 9 4.55 1.05 -11.79
C MET A 9 3.27 1.02 -12.63
N GLU A 10 2.38 0.11 -12.34
CA GLU A 10 1.12 0.04 -13.12
C GLU A 10 0.25 1.26 -12.83
N ASN A 11 0.52 1.93 -11.74
CA ASN A 11 -0.28 3.13 -11.36
C ASN A 11 0.63 4.17 -10.70
N PRO A 12 1.19 5.08 -11.46
CA PRO A 12 2.09 6.13 -10.90
C PRO A 12 1.50 6.78 -9.65
N ASP A 13 0.24 6.54 -9.41
CA ASP A 13 -0.42 7.12 -8.20
C ASP A 13 0.11 6.40 -6.96
N VAL A 14 0.26 5.10 -7.04
CA VAL A 14 0.78 4.33 -5.88
C VAL A 14 2.28 4.54 -5.79
N ALA A 15 2.94 4.58 -6.92
CA ALA A 15 4.41 4.79 -6.91
C ALA A 15 4.71 6.13 -6.24
N MET A 16 3.88 7.11 -6.46
CA MET A 16 4.10 8.43 -5.83
C MET A 16 3.69 8.33 -4.36
N ALA A 17 2.70 7.54 -4.07
CA ALA A 17 2.27 7.37 -2.66
C ALA A 17 3.37 6.59 -1.95
N PHE A 18 3.98 5.67 -2.63
CA PHE A 18 5.06 4.87 -2.01
C PHE A 18 6.15 5.83 -1.51
N GLN A 19 6.20 7.03 -2.03
CA GLN A 19 7.23 8.02 -1.59
C GLN A 19 6.78 8.73 -0.31
N ASN A 20 5.81 8.19 0.38
CA ASN A 20 5.32 8.81 1.65
C ASN A 20 5.85 7.96 2.81
N PRO A 21 6.22 8.57 3.92
CA PRO A 21 6.78 7.79 5.07
C PRO A 21 5.72 6.93 5.76
N ARG A 22 4.56 7.47 6.03
CA ARG A 22 3.50 6.67 6.71
C ARG A 22 3.11 5.50 5.80
N VAL A 23 3.26 5.66 4.51
CA VAL A 23 2.91 4.57 3.55
C VAL A 23 3.99 3.49 3.61
N GLN A 24 5.23 3.86 3.45
CA GLN A 24 6.32 2.85 3.53
C GLN A 24 6.19 2.11 4.85
N ALA A 25 5.78 2.81 5.87
CA ALA A 25 5.61 2.18 7.21
C ALA A 25 4.33 1.34 7.19
N ALA A 26 3.35 1.76 6.44
CA ALA A 26 2.08 0.99 6.37
C ALA A 26 2.34 -0.34 5.64
N LEU A 27 3.03 -0.29 4.54
CA LEU A 27 3.32 -1.55 3.78
C LEU A 27 4.37 -2.36 4.54
N MET A 28 5.44 -1.74 4.97
CA MET A 28 6.48 -2.49 5.72
C MET A 28 5.83 -3.10 6.96
N GLU A 29 4.95 -2.37 7.60
CA GLU A 29 4.28 -2.91 8.82
C GLU A 29 3.25 -3.95 8.38
N CYS A 30 2.74 -3.84 7.18
CA CYS A 30 1.72 -4.84 6.71
C CYS A 30 2.32 -6.24 6.80
N SER A 31 3.60 -6.37 6.61
CA SER A 31 4.24 -7.71 6.68
C SER A 31 3.84 -8.39 7.99
N GLU A 32 3.54 -7.61 9.00
CA GLU A 32 3.13 -8.21 10.30
C GLU A 32 1.76 -8.87 10.15
N ASN A 33 0.78 -8.14 9.70
CA ASN A 33 -0.59 -8.71 9.52
C ASN A 33 -1.57 -7.56 9.19
N PRO A 34 -2.68 -7.86 8.54
CA PRO A 34 -3.69 -6.81 8.20
C PRO A 34 -4.00 -5.87 9.38
N MET A 35 -3.51 -6.19 10.54
CA MET A 35 -3.78 -5.32 11.72
C MET A 35 -3.11 -3.97 11.50
N ASN A 36 -2.34 -3.85 10.47
CA ASN A 36 -1.64 -2.57 10.18
C ASN A 36 -2.65 -1.47 9.90
N ILE A 37 -3.35 -1.59 8.82
CA ILE A 37 -4.34 -0.55 8.43
C ILE A 37 -5.34 -0.34 9.56
N MET A 38 -5.63 -1.36 10.31
CA MET A 38 -6.60 -1.22 11.43
C MET A 38 -6.15 -0.07 12.34
N LYS A 39 -4.91 0.34 12.21
CA LYS A 39 -4.37 1.47 13.04
C LYS A 39 -4.34 2.74 12.20
N TYR A 40 -3.82 2.68 11.01
CA TYR A 40 -3.77 3.88 10.14
C TYR A 40 -5.18 4.17 9.61
N GLN A 41 -6.16 3.46 10.10
CA GLN A 41 -7.55 3.68 9.63
C GLN A 41 -7.92 5.15 9.81
N ASN A 42 -7.16 5.86 10.62
CA ASN A 42 -7.45 7.30 10.86
C ASN A 42 -6.56 8.15 9.92
N ASP A 43 -5.55 7.54 9.34
CA ASP A 43 -4.65 8.29 8.43
C ASP A 43 -5.27 8.32 7.02
N LYS A 44 -6.05 9.32 6.72
CA LYS A 44 -6.70 9.40 5.39
C LYS A 44 -5.67 9.20 4.27
N GLU A 45 -4.41 9.43 4.55
CA GLU A 45 -3.37 9.24 3.50
C GLU A 45 -3.19 7.75 3.23
N VAL A 46 -2.98 6.97 4.26
CA VAL A 46 -2.79 5.51 4.08
C VAL A 46 -4.10 4.87 3.62
N MET A 47 -5.21 5.42 4.03
CA MET A 47 -6.51 4.83 3.61
C MET A 47 -6.66 4.99 2.10
N ASP A 48 -6.31 6.14 1.59
CA ASP A 48 -6.44 6.39 0.13
C ASP A 48 -5.57 5.40 -0.66
N VAL A 49 -4.32 5.34 -0.34
CA VAL A 49 -3.39 4.44 -1.08
C VAL A 49 -3.68 2.97 -0.76
N PHE A 50 -3.78 2.63 0.50
CA PHE A 50 -4.02 1.20 0.86
C PHE A 50 -5.42 0.75 0.39
N ASN A 51 -6.39 1.62 0.40
CA ASN A 51 -7.75 1.22 -0.05
C ASN A 51 -7.74 1.08 -1.57
N LYS A 52 -6.85 1.78 -2.24
CA LYS A 52 -6.79 1.66 -3.71
C LYS A 52 -6.11 0.34 -4.03
N ILE A 53 -5.08 0.07 -3.30
CA ILE A 53 -4.32 -1.19 -3.47
C ILE A 53 -5.30 -2.37 -3.45
N SER A 54 -6.26 -2.34 -2.56
CA SER A 54 -7.24 -3.47 -2.47
C SER A 54 -8.32 -3.35 -3.55
N GLN A 55 -8.63 -2.17 -4.01
CA GLN A 55 -9.70 -2.03 -5.04
C GLN A 55 -9.17 -2.55 -6.38
N LEU A 56 -7.92 -2.29 -6.66
CA LEU A 56 -7.32 -2.76 -7.94
C LEU A 56 -6.67 -4.13 -7.74
N PHE A 57 -6.27 -4.44 -6.53
CA PHE A 57 -5.61 -5.76 -6.24
C PHE A 57 -6.40 -6.50 -5.14
N PRO A 58 -7.69 -6.68 -5.32
CA PRO A 58 -8.55 -7.39 -4.32
C PRO A 58 -8.10 -8.85 -4.14
N GLY A 59 -8.48 -9.71 -5.06
CA GLY A 59 -8.08 -11.14 -4.96
C GLY A 59 -6.59 -11.27 -5.28
N MET A 60 -5.89 -10.16 -5.38
CA MET A 60 -4.44 -10.22 -5.69
C MET A 60 -4.21 -11.02 -6.97
N THR A 61 -4.09 -10.35 -8.08
CA THR A 61 -3.87 -11.08 -9.37
C THR A 61 -2.51 -11.79 -9.32
N GLY A 62 -1.97 -12.14 -10.47
CA GLY A 62 -0.65 -12.83 -10.49
C GLY A 62 0.44 -11.87 -10.01
N PRO A 1 13.59 -4.05 -3.26
CA PRO A 1 12.22 -4.51 -3.61
C PRO A 1 11.90 -4.10 -5.05
N GLU A 2 12.91 -3.94 -5.87
CA GLU A 2 12.65 -3.54 -7.29
C GLU A 2 11.70 -4.55 -7.94
N GLU A 3 11.66 -5.75 -7.43
CA GLU A 3 10.77 -6.78 -8.02
C GLU A 3 9.29 -6.35 -7.91
N VAL A 4 8.80 -6.14 -6.72
CA VAL A 4 7.38 -5.74 -6.58
C VAL A 4 7.17 -4.34 -7.15
N ILE A 5 8.06 -3.42 -6.87
CA ILE A 5 7.90 -2.04 -7.41
C ILE A 5 7.68 -2.10 -8.92
N SER A 6 8.20 -3.10 -9.56
CA SER A 6 8.00 -3.21 -11.04
C SER A 6 6.52 -3.43 -11.34
N LYS A 7 5.85 -4.19 -10.52
CA LYS A 7 4.39 -4.47 -10.77
C LYS A 7 3.55 -3.22 -10.42
N ILE A 8 3.98 -2.43 -9.46
CA ILE A 8 3.20 -1.22 -9.08
C ILE A 8 3.09 -0.27 -10.28
N MET A 9 3.98 -0.39 -11.23
CA MET A 9 3.92 0.52 -12.42
C MET A 9 2.56 0.40 -13.09
N GLU A 10 1.76 -0.53 -12.65
CA GLU A 10 0.42 -0.72 -13.27
C GLU A 10 -0.47 0.48 -12.93
N ASN A 11 -0.04 1.31 -12.04
CA ASN A 11 -0.87 2.50 -11.65
C ASN A 11 0.05 3.58 -11.05
N PRO A 12 0.57 4.47 -11.86
CA PRO A 12 1.47 5.56 -11.36
C PRO A 12 0.90 6.24 -10.12
N ASP A 13 -0.35 5.98 -9.82
CA ASP A 13 -0.98 6.58 -8.61
C ASP A 13 -0.39 5.93 -7.36
N VAL A 14 -0.21 4.64 -7.39
CA VAL A 14 0.37 3.94 -6.21
C VAL A 14 1.87 4.21 -6.18
N ALA A 15 2.48 4.24 -7.33
CA ALA A 15 3.93 4.53 -7.38
C ALA A 15 4.19 5.90 -6.78
N MET A 16 3.30 6.82 -7.01
CA MET A 16 3.46 8.19 -6.44
C MET A 16 3.12 8.13 -4.95
N ALA A 17 2.16 7.31 -4.61
CA ALA A 17 1.79 7.17 -3.18
C ALA A 17 2.93 6.47 -2.46
N PHE A 18 3.57 5.56 -3.13
CA PHE A 18 4.72 4.84 -2.51
C PHE A 18 5.74 5.88 -2.03
N GLN A 19 5.66 7.09 -2.53
CA GLN A 19 6.62 8.15 -2.12
C GLN A 19 6.07 8.92 -0.91
N ASN A 20 5.17 8.34 -0.17
CA ASN A 20 4.60 9.01 1.03
C ASN A 20 5.16 8.31 2.28
N PRO A 21 5.42 9.02 3.34
CA PRO A 21 5.99 8.41 4.58
C PRO A 21 5.00 7.48 5.30
N ARG A 22 3.79 7.92 5.46
CA ARG A 22 2.78 7.05 6.15
C ARG A 22 2.56 5.80 5.32
N VAL A 23 2.74 5.90 4.03
CA VAL A 23 2.55 4.71 3.14
C VAL A 23 3.73 3.75 3.32
N GLN A 24 4.94 4.23 3.17
CA GLN A 24 6.11 3.33 3.36
C GLN A 24 5.99 2.68 4.73
N ALA A 25 5.47 3.41 5.68
CA ALA A 25 5.28 2.85 7.05
C ALA A 25 4.08 1.91 7.03
N ALA A 26 3.14 2.15 6.18
CA ALA A 26 1.94 1.27 6.10
C ALA A 26 2.35 -0.09 5.53
N LEU A 27 3.09 -0.09 4.45
CA LEU A 27 3.53 -1.38 3.84
C LEU A 27 4.59 -2.01 4.75
N MET A 28 5.53 -1.24 5.21
CA MET A 28 6.57 -1.80 6.10
C MET A 28 5.89 -2.37 7.35
N GLU A 29 4.93 -1.67 7.88
CA GLU A 29 4.22 -2.16 9.09
C GLU A 29 3.28 -3.31 8.69
N CYS A 30 2.87 -3.36 7.45
CA CYS A 30 1.96 -4.45 7.01
C CYS A 30 2.62 -5.81 7.29
N SER A 31 3.92 -5.89 7.12
CA SER A 31 4.62 -7.18 7.37
C SER A 31 4.25 -7.72 8.74
N GLU A 32 3.90 -6.85 9.65
CA GLU A 32 3.52 -7.32 11.02
C GLU A 32 2.20 -8.08 10.96
N ASN A 33 1.18 -7.44 10.44
CA ASN A 33 -0.15 -8.11 10.36
C ASN A 33 -1.17 -7.09 9.82
N PRO A 34 -2.26 -7.53 9.25
CA PRO A 34 -3.32 -6.62 8.71
C PRO A 34 -3.69 -5.53 9.73
N MET A 35 -3.21 -5.64 10.93
CA MET A 35 -3.55 -4.62 11.96
C MET A 35 -2.92 -3.28 11.56
N ASN A 36 -2.11 -3.28 10.54
CA ASN A 36 -1.46 -2.03 10.10
C ASN A 36 -2.53 -1.00 9.73
N ILE A 37 -3.36 -1.34 8.77
CA ILE A 37 -4.41 -0.39 8.34
C ILE A 37 -5.38 -0.11 9.49
N MET A 38 -5.57 -1.07 10.36
CA MET A 38 -6.49 -0.85 11.51
C MET A 38 -5.99 0.36 12.31
N LYS A 39 -4.75 0.72 12.12
CA LYS A 39 -4.17 1.89 12.86
C LYS A 39 -4.21 3.13 11.94
N TYR A 40 -3.76 2.98 10.73
CA TYR A 40 -3.76 4.13 9.78
C TYR A 40 -5.20 4.39 9.34
N GLN A 41 -6.14 3.69 9.90
CA GLN A 41 -7.57 3.91 9.52
C GLN A 41 -7.89 5.39 9.63
N ASN A 42 -7.15 6.11 10.44
CA ASN A 42 -7.39 7.57 10.59
C ASN A 42 -6.64 8.30 9.47
N ASP A 43 -5.61 7.69 8.95
CA ASP A 43 -4.84 8.34 7.84
C ASP A 43 -5.57 8.13 6.51
N LYS A 44 -6.48 9.01 6.19
CA LYS A 44 -7.25 8.87 4.92
C LYS A 44 -6.29 8.63 3.75
N GLU A 45 -5.08 9.11 3.85
CA GLU A 45 -4.10 8.92 2.74
C GLU A 45 -3.78 7.42 2.60
N VAL A 46 -3.44 6.78 3.67
CA VAL A 46 -3.10 5.33 3.60
C VAL A 46 -4.35 4.54 3.21
N MET A 47 -5.50 4.91 3.70
CA MET A 47 -6.73 4.16 3.36
C MET A 47 -6.98 4.24 1.85
N ASP A 48 -6.77 5.39 1.28
CA ASP A 48 -6.99 5.55 -0.19
C ASP A 48 -6.08 4.60 -0.97
N VAL A 49 -4.82 4.66 -0.71
CA VAL A 49 -3.84 3.81 -1.44
C VAL A 49 -3.98 2.33 -1.05
N PHE A 50 -4.02 2.05 0.23
CA PHE A 50 -4.13 0.62 0.66
C PHE A 50 -5.49 0.04 0.22
N ASN A 51 -6.52 0.84 0.21
CA ASN A 51 -7.86 0.33 -0.20
C ASN A 51 -7.85 0.12 -1.71
N LYS A 52 -7.02 0.85 -2.41
CA LYS A 52 -6.95 0.68 -3.88
C LYS A 52 -6.17 -0.59 -4.16
N ILE A 53 -5.16 -0.79 -3.40
CA ILE A 53 -4.30 -1.99 -3.55
C ILE A 53 -5.17 -3.24 -3.46
N SER A 54 -6.12 -3.25 -2.55
CA SER A 54 -6.98 -4.45 -2.39
C SER A 54 -8.09 -4.47 -3.46
N GLN A 55 -8.57 -3.32 -3.85
CA GLN A 55 -9.65 -3.30 -4.89
C GLN A 55 -9.07 -3.80 -6.21
N LEU A 56 -7.86 -3.43 -6.52
CA LEU A 56 -7.23 -3.87 -7.79
C LEU A 56 -6.47 -5.18 -7.57
N PHE A 57 -6.06 -5.44 -6.34
CA PHE A 57 -5.32 -6.71 -6.03
C PHE A 57 -5.99 -7.41 -4.85
N PRO A 58 -7.15 -7.99 -5.06
CA PRO A 58 -7.89 -8.70 -3.96
C PRO A 58 -6.93 -9.55 -3.12
N GLY A 59 -6.39 -8.96 -2.07
CA GLY A 59 -5.43 -9.69 -1.20
C GLY A 59 -4.01 -9.36 -1.69
N MET A 60 -3.45 -10.20 -2.52
CA MET A 60 -2.08 -9.93 -3.06
C MET A 60 -1.73 -11.03 -4.07
N THR A 61 -1.57 -10.67 -5.32
CA THR A 61 -1.22 -11.68 -6.35
C THR A 61 0.21 -12.17 -6.11
N GLY A 62 1.09 -11.29 -5.72
CA GLY A 62 2.51 -11.71 -5.47
C GLY A 62 2.55 -12.65 -4.26
N PRO A 1 11.48 -2.70 -2.89
CA PRO A 1 12.49 -3.46 -3.66
C PRO A 1 12.26 -3.27 -5.16
N GLU A 2 13.29 -3.35 -5.94
CA GLU A 2 13.14 -3.17 -7.41
C GLU A 2 12.25 -4.29 -7.96
N GLU A 3 12.22 -5.42 -7.29
CA GLU A 3 11.39 -6.55 -7.79
C GLU A 3 9.90 -6.19 -7.73
N VAL A 4 9.40 -5.87 -6.57
CA VAL A 4 7.95 -5.52 -6.47
C VAL A 4 7.70 -4.10 -7.00
N ILE A 5 8.48 -3.14 -6.58
CA ILE A 5 8.25 -1.74 -7.06
C ILE A 5 8.15 -1.72 -8.58
N SER A 6 8.75 -2.64 -9.26
CA SER A 6 8.65 -2.65 -10.74
C SER A 6 7.20 -2.95 -11.13
N LYS A 7 6.56 -3.84 -10.41
CA LYS A 7 5.15 -4.19 -10.73
C LYS A 7 4.21 -3.05 -10.28
N ILE A 8 4.58 -2.33 -9.26
CA ILE A 8 3.72 -1.22 -8.77
C ILE A 8 3.55 -0.17 -9.87
N MET A 9 4.42 -0.16 -10.85
CA MET A 9 4.30 0.83 -11.96
C MET A 9 2.93 0.67 -12.64
N GLU A 10 2.20 -0.34 -12.27
CA GLU A 10 0.88 -0.58 -12.90
C GLU A 10 -0.05 0.60 -12.59
N ASN A 11 0.37 1.48 -11.73
CA ASN A 11 -0.49 2.65 -11.38
C ASN A 11 0.39 3.74 -10.77
N PRO A 12 0.91 4.65 -11.57
CA PRO A 12 1.78 5.75 -11.07
C PRO A 12 1.19 6.41 -9.81
N ASP A 13 -0.05 6.14 -9.54
CA ASP A 13 -0.71 6.73 -8.33
C ASP A 13 -0.14 6.05 -7.09
N VAL A 14 0.04 4.75 -7.14
CA VAL A 14 0.59 4.02 -5.97
C VAL A 14 2.10 4.23 -5.93
N ALA A 15 2.72 4.24 -7.06
CA ALA A 15 4.18 4.46 -7.10
C ALA A 15 4.51 5.83 -6.49
N MET A 16 3.68 6.81 -6.75
CA MET A 16 3.91 8.16 -6.18
C MET A 16 3.52 8.12 -4.70
N ALA A 17 2.50 7.37 -4.38
CA ALA A 17 2.07 7.26 -2.98
C ALA A 17 3.14 6.48 -2.21
N PHE A 18 3.75 5.54 -2.87
CA PHE A 18 4.83 4.74 -2.21
C PHE A 18 5.90 5.70 -1.69
N GLN A 19 5.96 6.89 -2.25
CA GLN A 19 6.99 7.88 -1.80
C GLN A 19 6.47 8.66 -0.60
N ASN A 20 5.50 8.12 0.11
CA ASN A 20 4.93 8.80 1.31
C ASN A 20 5.34 8.01 2.55
N PRO A 21 5.66 8.65 3.65
CA PRO A 21 6.08 7.93 4.89
C PRO A 21 4.92 7.15 5.52
N ARG A 22 3.77 7.76 5.65
CA ARG A 22 2.62 7.04 6.26
C ARG A 22 2.33 5.78 5.44
N VAL A 23 2.58 5.83 4.16
CA VAL A 23 2.34 4.63 3.30
C VAL A 23 3.45 3.61 3.56
N GLN A 24 4.68 4.01 3.46
CA GLN A 24 5.80 3.06 3.73
C GLN A 24 5.60 2.46 5.11
N ALA A 25 5.07 3.24 6.03
CA ALA A 25 4.82 2.72 7.40
C ALA A 25 3.66 1.74 7.35
N ALA A 26 2.74 1.94 6.44
CA ALA A 26 1.59 1.01 6.35
C ALA A 26 2.10 -0.35 5.85
N LEU A 27 2.95 -0.35 4.86
CA LEU A 27 3.50 -1.63 4.34
C LEU A 27 4.48 -2.20 5.36
N MET A 28 5.36 -1.39 5.88
CA MET A 28 6.34 -1.89 6.88
C MET A 28 5.55 -2.47 8.06
N GLU A 29 4.49 -1.81 8.45
CA GLU A 29 3.66 -2.33 9.57
C GLU A 29 2.85 -3.53 9.09
N CYS A 30 2.50 -3.56 7.83
CA CYS A 30 1.72 -4.72 7.30
C CYS A 30 2.46 -6.03 7.61
N SER A 31 3.75 -6.01 7.51
CA SER A 31 4.54 -7.23 7.81
C SER A 31 4.14 -7.81 9.17
N GLU A 32 3.69 -6.97 10.06
CA GLU A 32 3.29 -7.47 11.40
C GLU A 32 1.99 -8.27 11.29
N ASN A 33 0.95 -7.67 10.75
CA ASN A 33 -0.35 -8.38 10.61
C ASN A 33 -1.40 -7.39 10.08
N PRO A 34 -2.47 -7.86 9.48
CA PRO A 34 -3.56 -6.98 8.97
C PRO A 34 -3.97 -5.89 9.99
N MET A 35 -3.48 -6.00 11.19
CA MET A 35 -3.84 -4.99 12.23
C MET A 35 -3.22 -3.64 11.85
N ASN A 36 -2.38 -3.64 10.85
CA ASN A 36 -1.74 -2.36 10.43
C ASN A 36 -2.81 -1.34 10.06
N ILE A 37 -3.71 -1.71 9.19
CA ILE A 37 -4.76 -0.75 8.75
C ILE A 37 -5.68 -0.39 9.93
N MET A 38 -5.92 -1.31 10.81
CA MET A 38 -6.80 -1.01 11.97
C MET A 38 -6.30 0.26 12.68
N LYS A 39 -5.08 0.63 12.44
CA LYS A 39 -4.51 1.85 13.10
C LYS A 39 -4.58 3.02 12.12
N TYR A 40 -4.14 2.83 10.90
CA TYR A 40 -4.17 3.93 9.90
C TYR A 40 -5.60 4.17 9.44
N GLN A 41 -6.56 3.55 10.09
CA GLN A 41 -7.98 3.76 9.69
C GLN A 41 -8.30 5.25 9.73
N ASN A 42 -7.57 6.00 10.50
CA ASN A 42 -7.81 7.47 10.60
C ASN A 42 -6.99 8.18 9.53
N ASP A 43 -5.95 7.54 9.04
CA ASP A 43 -5.10 8.19 7.99
C ASP A 43 -5.75 7.99 6.62
N LYS A 44 -6.63 8.87 6.23
CA LYS A 44 -7.32 8.74 4.91
C LYS A 44 -6.28 8.51 3.81
N GLU A 45 -5.09 9.00 3.98
CA GLU A 45 -4.06 8.80 2.92
C GLU A 45 -3.78 7.29 2.78
N VAL A 46 -3.47 6.64 3.87
CA VAL A 46 -3.21 5.18 3.81
C VAL A 46 -4.47 4.45 3.37
N MET A 47 -5.62 4.95 3.69
CA MET A 47 -6.88 4.27 3.30
C MET A 47 -6.99 4.23 1.77
N ASP A 48 -6.87 5.36 1.13
CA ASP A 48 -6.97 5.38 -0.35
C ASP A 48 -5.93 4.44 -0.96
N VAL A 49 -4.78 4.36 -0.35
CA VAL A 49 -3.69 3.52 -0.88
C VAL A 49 -3.94 2.05 -0.57
N PHE A 50 -4.15 1.72 0.66
CA PHE A 50 -4.39 0.30 1.04
C PHE A 50 -5.72 -0.14 0.45
N ASN A 51 -6.62 0.78 0.22
CA ASN A 51 -7.93 0.41 -0.37
C ASN A 51 -7.74 0.21 -1.86
N LYS A 52 -6.75 0.87 -2.43
CA LYS A 52 -6.49 0.69 -3.88
C LYS A 52 -5.71 -0.61 -4.05
N ILE A 53 -4.72 -0.77 -3.25
CA ILE A 53 -3.87 -1.99 -3.30
C ILE A 53 -4.77 -3.22 -3.18
N SER A 54 -5.80 -3.13 -2.40
CA SER A 54 -6.69 -4.32 -2.20
C SER A 54 -7.70 -4.46 -3.34
N GLN A 55 -8.16 -3.36 -3.88
CA GLN A 55 -9.19 -3.44 -4.97
C GLN A 55 -8.53 -3.63 -6.33
N LEU A 56 -7.48 -2.91 -6.60
CA LEU A 56 -6.80 -3.03 -7.92
C LEU A 56 -6.00 -4.33 -7.99
N PHE A 57 -6.09 -5.14 -6.97
CA PHE A 57 -5.32 -6.44 -6.94
C PHE A 57 -6.27 -7.57 -6.54
N PRO A 58 -7.20 -7.93 -7.40
CA PRO A 58 -8.17 -9.03 -7.12
C PRO A 58 -7.51 -10.25 -6.47
N GLY A 59 -6.24 -10.44 -6.71
CA GLY A 59 -5.53 -11.61 -6.10
C GLY A 59 -4.07 -11.61 -6.54
N MET A 60 -3.44 -10.45 -6.53
CA MET A 60 -2.01 -10.38 -6.94
C MET A 60 -1.82 -11.07 -8.29
N THR A 61 -1.86 -10.32 -9.36
CA THR A 61 -1.69 -10.93 -10.70
C THR A 61 -0.29 -11.55 -10.80
N GLY A 62 -0.18 -12.82 -10.53
CA GLY A 62 1.15 -13.48 -10.61
C GLY A 62 1.64 -13.48 -12.06
N PRO A 1 12.79 -5.78 -3.33
CA PRO A 1 11.36 -5.97 -3.69
C PRO A 1 11.06 -5.20 -4.98
N GLU A 2 12.08 -4.89 -5.75
CA GLU A 2 11.86 -4.13 -7.01
C GLU A 2 10.86 -4.92 -7.90
N GLU A 3 10.80 -6.21 -7.73
CA GLU A 3 9.87 -7.02 -8.56
C GLU A 3 8.43 -6.59 -8.28
N VAL A 4 8.04 -6.53 -7.04
CA VAL A 4 6.64 -6.13 -6.70
C VAL A 4 6.46 -4.63 -6.94
N ILE A 5 7.38 -3.82 -6.47
CA ILE A 5 7.25 -2.36 -6.69
C ILE A 5 7.03 -2.09 -8.17
N SER A 6 7.49 -2.99 -9.00
CA SER A 6 7.31 -2.82 -10.46
C SER A 6 5.83 -2.93 -10.81
N LYS A 7 5.11 -3.79 -10.14
CA LYS A 7 3.65 -3.95 -10.46
C LYS A 7 2.89 -2.72 -9.97
N ILE A 8 3.33 -2.12 -8.90
CA ILE A 8 2.62 -0.92 -8.37
C ILE A 8 2.83 0.25 -9.34
N MET A 9 3.87 0.23 -10.12
CA MET A 9 4.11 1.34 -11.08
C MET A 9 2.96 1.38 -12.09
N GLU A 10 2.07 0.42 -12.03
CA GLU A 10 0.94 0.39 -13.00
C GLU A 10 0.05 1.64 -12.79
N ASN A 11 -0.09 2.05 -11.56
CA ASN A 11 -0.94 3.23 -11.24
C ASN A 11 -0.05 4.37 -10.71
N PRO A 12 0.42 5.26 -11.55
CA PRO A 12 1.28 6.39 -11.11
C PRO A 12 0.73 7.06 -9.85
N ASP A 13 -0.52 6.82 -9.56
CA ASP A 13 -1.15 7.40 -8.34
C ASP A 13 -0.58 6.70 -7.11
N VAL A 14 -0.45 5.39 -7.17
CA VAL A 14 0.09 4.64 -6.01
C VAL A 14 1.60 4.83 -5.98
N ALA A 15 2.21 4.85 -7.12
CA ALA A 15 3.68 5.06 -7.18
C ALA A 15 4.01 6.41 -6.55
N MET A 16 3.17 7.38 -6.77
CA MET A 16 3.40 8.72 -6.19
C MET A 16 3.04 8.66 -4.70
N ALA A 17 2.05 7.88 -4.37
CA ALA A 17 1.65 7.74 -2.94
C ALA A 17 2.76 6.96 -2.23
N PHE A 18 3.36 6.04 -2.92
CA PHE A 18 4.47 5.26 -2.30
C PHE A 18 5.51 6.24 -1.75
N GLN A 19 5.50 7.45 -2.23
CA GLN A 19 6.48 8.47 -1.76
C GLN A 19 5.87 9.26 -0.59
N ASN A 20 4.97 8.65 0.14
CA ASN A 20 4.34 9.33 1.31
C ASN A 20 4.83 8.64 2.59
N PRO A 21 4.97 9.36 3.67
CA PRO A 21 5.46 8.75 4.94
C PRO A 21 4.46 7.78 5.56
N ARG A 22 3.21 8.16 5.61
CA ARG A 22 2.19 7.24 6.20
C ARG A 22 2.12 5.97 5.36
N VAL A 23 2.34 6.07 4.08
CA VAL A 23 2.29 4.87 3.21
C VAL A 23 3.56 4.03 3.45
N GLN A 24 4.72 4.63 3.35
CA GLN A 24 5.96 3.87 3.59
C GLN A 24 5.89 3.24 4.98
N ALA A 25 5.26 3.93 5.89
CA ALA A 25 5.10 3.39 7.27
C ALA A 25 4.03 2.30 7.26
N ALA A 26 3.06 2.43 6.40
CA ALA A 26 1.99 1.40 6.32
C ALA A 26 2.58 0.11 5.73
N LEU A 27 3.35 0.23 4.69
CA LEU A 27 3.98 -0.98 4.08
C LEU A 27 5.07 -1.50 5.01
N MET A 28 5.93 -0.64 5.47
CA MET A 28 7.01 -1.09 6.39
C MET A 28 6.36 -1.74 7.61
N GLU A 29 5.30 -1.16 8.10
CA GLU A 29 4.60 -1.74 9.27
C GLU A 29 3.82 -2.99 8.83
N CYS A 30 3.43 -3.06 7.58
CA CYS A 30 2.68 -4.26 7.11
C CYS A 30 3.50 -5.52 7.39
N SER A 31 4.80 -5.44 7.22
CA SER A 31 5.65 -6.62 7.46
C SER A 31 5.36 -7.22 8.83
N GLU A 32 4.93 -6.40 9.77
CA GLU A 32 4.62 -6.93 11.13
C GLU A 32 3.38 -7.84 11.06
N ASN A 33 2.29 -7.32 10.55
CA ASN A 33 1.05 -8.15 10.45
C ASN A 33 -0.10 -7.24 9.98
N PRO A 34 -1.17 -7.82 9.48
CA PRO A 34 -2.36 -7.03 9.00
C PRO A 34 -2.77 -5.94 10.01
N MET A 35 -2.22 -5.94 11.19
CA MET A 35 -2.59 -4.92 12.19
C MET A 35 -2.16 -3.54 11.69
N ASN A 36 -1.45 -3.49 10.60
CA ASN A 36 -1.01 -2.18 10.06
C ASN A 36 -2.22 -1.29 9.82
N ILE A 37 -3.07 -1.70 8.92
CA ILE A 37 -4.26 -0.87 8.59
C ILE A 37 -5.10 -0.66 9.86
N MET A 38 -5.22 -1.66 10.68
CA MET A 38 -6.02 -1.51 11.93
C MET A 38 -5.58 -0.26 12.70
N LYS A 39 -4.49 0.36 12.30
CA LYS A 39 -3.99 1.58 13.00
C LYS A 39 -4.10 2.79 12.07
N TYR A 40 -4.03 2.58 10.77
CA TYR A 40 -4.12 3.71 9.82
C TYR A 40 -5.57 3.85 9.34
N GLN A 41 -6.50 3.21 9.99
CA GLN A 41 -7.92 3.32 9.56
C GLN A 41 -8.33 4.80 9.57
N ASN A 42 -7.64 5.61 10.35
CA ASN A 42 -7.98 7.06 10.41
C ASN A 42 -7.20 7.79 9.32
N ASP A 43 -6.06 7.29 8.95
CA ASP A 43 -5.24 7.95 7.89
C ASP A 43 -5.91 7.72 6.53
N LYS A 44 -6.80 8.59 6.14
CA LYS A 44 -7.51 8.43 4.83
C LYS A 44 -6.51 8.18 3.70
N GLU A 45 -5.33 8.76 3.78
CA GLU A 45 -4.33 8.55 2.70
C GLU A 45 -3.98 7.06 2.61
N VAL A 46 -3.68 6.45 3.72
CA VAL A 46 -3.33 5.00 3.70
C VAL A 46 -4.55 4.18 3.33
N MET A 47 -5.72 4.62 3.69
CA MET A 47 -6.94 3.86 3.34
C MET A 47 -7.09 3.81 1.83
N ASP A 48 -6.97 4.94 1.19
CA ASP A 48 -7.10 4.97 -0.28
C ASP A 48 -6.00 4.11 -0.93
N VAL A 49 -4.86 4.07 -0.32
CA VAL A 49 -3.72 3.28 -0.89
C VAL A 49 -3.91 1.79 -0.61
N PHE A 50 -4.08 1.45 0.63
CA PHE A 50 -4.25 0.01 0.99
C PHE A 50 -5.58 -0.49 0.46
N ASN A 51 -6.54 0.37 0.28
CA ASN A 51 -7.84 -0.05 -0.27
C ASN A 51 -7.72 -0.20 -1.78
N LYS A 52 -6.80 0.52 -2.38
CA LYS A 52 -6.61 0.40 -3.84
C LYS A 52 -5.80 -0.86 -4.10
N ILE A 53 -4.73 -0.99 -3.37
CA ILE A 53 -3.86 -2.17 -3.49
C ILE A 53 -4.71 -3.44 -3.37
N SER A 54 -5.61 -3.46 -2.43
CA SER A 54 -6.46 -4.67 -2.21
C SER A 54 -7.60 -4.73 -3.23
N GLN A 55 -8.19 -3.60 -3.56
CA GLN A 55 -9.30 -3.63 -4.54
C GLN A 55 -8.77 -4.06 -5.91
N LEU A 56 -7.55 -3.71 -6.20
CA LEU A 56 -6.95 -4.10 -7.51
C LEU A 56 -6.17 -5.40 -7.35
N PHE A 57 -5.64 -5.66 -6.17
CA PHE A 57 -4.86 -6.91 -5.92
C PHE A 57 -5.50 -7.70 -4.76
N PRO A 58 -6.74 -8.10 -4.88
CA PRO A 58 -7.43 -8.87 -3.81
C PRO A 58 -6.57 -10.07 -3.40
N GLY A 59 -5.54 -10.34 -4.14
CA GLY A 59 -4.62 -11.48 -3.83
C GLY A 59 -3.20 -11.07 -4.24
N MET A 60 -2.89 -11.16 -5.51
CA MET A 60 -1.54 -10.76 -5.99
C MET A 60 -1.51 -10.83 -7.52
N THR A 61 -1.94 -9.79 -8.17
CA THR A 61 -1.93 -9.79 -9.67
C THR A 61 -0.49 -9.76 -10.18
N GLY A 62 0.24 -10.84 -9.99
CA GLY A 62 1.65 -10.87 -10.46
C GLY A 62 1.69 -10.78 -11.99
N PRO A 1 13.44 -4.62 -1.17
CA PRO A 1 12.10 -4.91 -1.72
C PRO A 1 12.02 -4.40 -3.17
N GLU A 2 13.15 -4.25 -3.81
CA GLU A 2 13.14 -3.75 -5.22
C GLU A 2 12.26 -4.67 -6.07
N GLU A 3 12.14 -5.91 -5.69
CA GLU A 3 11.31 -6.86 -6.48
C GLU A 3 9.87 -6.34 -6.56
N VAL A 4 9.26 -6.10 -5.43
CA VAL A 4 7.85 -5.61 -5.44
C VAL A 4 7.80 -4.20 -6.02
N ILE A 5 8.62 -3.30 -5.54
CA ILE A 5 8.61 -1.91 -6.07
C ILE A 5 8.68 -1.94 -7.60
N SER A 6 9.21 -3.00 -8.15
CA SER A 6 9.29 -3.10 -9.63
C SER A 6 7.87 -3.24 -10.19
N LYS A 7 7.03 -3.99 -9.51
CA LYS A 7 5.64 -4.17 -10.00
C LYS A 7 4.81 -2.90 -9.76
N ILE A 8 5.01 -2.27 -8.63
CA ILE A 8 4.22 -1.04 -8.28
C ILE A 8 4.24 -0.10 -9.48
N MET A 9 5.25 -0.21 -10.29
CA MET A 9 5.32 0.66 -11.49
C MET A 9 4.10 0.38 -12.37
N GLU A 10 3.32 -0.62 -12.01
CA GLU A 10 2.12 -0.95 -12.84
C GLU A 10 1.08 0.17 -12.68
N ASN A 11 1.17 0.92 -11.62
CA ASN A 11 0.20 2.03 -11.39
C ASN A 11 0.92 3.21 -10.72
N PRO A 12 1.43 4.15 -11.49
CA PRO A 12 2.16 5.33 -10.94
C PRO A 12 1.41 5.96 -9.75
N ASP A 13 0.19 5.57 -9.53
CA ASP A 13 -0.59 6.13 -8.40
C ASP A 13 -0.03 5.60 -7.08
N VAL A 14 0.22 4.33 -6.99
CA VAL A 14 0.76 3.75 -5.73
C VAL A 14 2.26 4.05 -5.65
N ALA A 15 2.93 4.02 -6.77
CA ALA A 15 4.39 4.31 -6.76
C ALA A 15 4.60 5.73 -6.21
N MET A 16 3.72 6.63 -6.54
CA MET A 16 3.86 8.02 -6.03
C MET A 16 3.44 8.04 -4.56
N ALA A 17 2.49 7.24 -4.22
CA ALA A 17 2.04 7.18 -2.81
C ALA A 17 3.13 6.51 -2.00
N PHE A 18 3.79 5.56 -2.58
CA PHE A 18 4.90 4.86 -1.88
C PHE A 18 5.90 5.92 -1.37
N GLN A 19 5.93 7.07 -2.00
CA GLN A 19 6.89 8.14 -1.59
C GLN A 19 6.36 8.88 -0.36
N ASN A 20 5.41 8.32 0.35
CA ASN A 20 4.86 8.97 1.58
C ASN A 20 5.33 8.16 2.79
N PRO A 21 5.69 8.81 3.88
CA PRO A 21 6.18 8.09 5.09
C PRO A 21 5.07 7.28 5.79
N ARG A 22 3.93 7.88 5.98
CA ARG A 22 2.82 7.15 6.66
C ARG A 22 2.46 5.92 5.82
N VAL A 23 2.70 5.98 4.54
CA VAL A 23 2.40 4.82 3.66
C VAL A 23 3.46 3.74 3.88
N GLN A 24 4.71 4.10 3.79
CA GLN A 24 5.79 3.09 4.01
C GLN A 24 5.54 2.42 5.37
N ALA A 25 5.03 3.17 6.30
CA ALA A 25 4.74 2.60 7.66
C ALA A 25 3.55 1.65 7.54
N ALA A 26 2.64 1.92 6.67
CA ALA A 26 1.46 1.02 6.51
C ALA A 26 1.93 -0.32 5.93
N LEU A 27 2.75 -0.27 4.92
CA LEU A 27 3.24 -1.55 4.32
C LEU A 27 4.23 -2.21 5.28
N MET A 28 5.15 -1.45 5.83
CA MET A 28 6.12 -2.04 6.78
C MET A 28 5.34 -2.66 7.95
N GLU A 29 4.31 -2.00 8.40
CA GLU A 29 3.49 -2.56 9.52
C GLU A 29 2.66 -3.71 8.98
N CYS A 30 2.26 -3.64 7.74
CA CYS A 30 1.44 -4.75 7.16
C CYS A 30 2.15 -6.08 7.38
N SER A 31 3.45 -6.07 7.40
CA SER A 31 4.21 -7.33 7.61
C SER A 31 3.69 -8.03 8.87
N GLU A 32 3.25 -7.29 9.85
CA GLU A 32 2.73 -7.93 11.09
C GLU A 32 1.41 -8.63 10.78
N ASN A 33 0.45 -7.91 10.26
CA ASN A 33 -0.88 -8.55 9.93
C ASN A 33 -1.85 -7.45 9.48
N PRO A 34 -2.93 -7.83 8.81
CA PRO A 34 -3.95 -6.85 8.33
C PRO A 34 -4.34 -5.83 9.41
N MET A 35 -3.92 -6.05 10.63
CA MET A 35 -4.27 -5.11 11.71
C MET A 35 -3.63 -3.75 11.41
N ASN A 36 -2.81 -3.69 10.41
CA ASN A 36 -2.15 -2.40 10.06
C ASN A 36 -3.21 -1.36 9.70
N ILE A 37 -3.95 -1.61 8.67
CA ILE A 37 -4.98 -0.64 8.23
C ILE A 37 -6.03 -0.45 9.33
N MET A 38 -6.27 -1.46 10.11
CA MET A 38 -7.27 -1.32 11.22
C MET A 38 -6.82 -0.18 12.13
N LYS A 39 -5.56 0.18 12.08
CA LYS A 39 -5.05 1.29 12.93
C LYS A 39 -4.98 2.58 12.11
N TYR A 40 -4.50 2.49 10.89
CA TYR A 40 -4.41 3.69 10.02
C TYR A 40 -5.79 4.03 9.49
N GLN A 41 -6.80 3.33 9.95
CA GLN A 41 -8.18 3.62 9.47
C GLN A 41 -8.47 5.11 9.60
N ASN A 42 -7.83 5.77 10.52
CA ASN A 42 -8.06 7.23 10.71
C ASN A 42 -7.17 8.00 9.74
N ASP A 43 -6.09 7.40 9.30
CA ASP A 43 -5.18 8.10 8.35
C ASP A 43 -5.79 8.06 6.95
N LYS A 44 -6.59 9.03 6.61
CA LYS A 44 -7.24 9.06 5.27
C LYS A 44 -6.19 8.85 4.17
N GLU A 45 -4.96 9.22 4.43
CA GLU A 45 -3.90 9.05 3.39
C GLU A 45 -3.67 7.56 3.16
N VAL A 46 -3.47 6.80 4.20
CA VAL A 46 -3.22 5.34 4.05
C VAL A 46 -4.49 4.66 3.52
N MET A 47 -5.64 5.09 3.93
CA MET A 47 -6.89 4.45 3.44
C MET A 47 -7.02 4.67 1.94
N ASP A 48 -6.74 5.85 1.48
CA ASP A 48 -6.84 6.14 0.02
C ASP A 48 -5.93 5.20 -0.77
N VAL A 49 -4.68 5.14 -0.41
CA VAL A 49 -3.70 4.31 -1.15
C VAL A 49 -3.93 2.82 -0.87
N PHE A 50 -4.15 2.44 0.36
CA PHE A 50 -4.35 1.00 0.67
C PHE A 50 -5.69 0.50 0.10
N ASN A 51 -6.67 1.37 0.00
CA ASN A 51 -7.98 0.95 -0.56
C ASN A 51 -7.82 0.82 -2.07
N LYS A 52 -6.92 1.59 -2.63
CA LYS A 52 -6.69 1.51 -4.09
C LYS A 52 -5.85 0.28 -4.36
N ILE A 53 -4.79 0.13 -3.61
CA ILE A 53 -3.89 -1.04 -3.78
C ILE A 53 -4.73 -2.32 -3.70
N SER A 54 -5.76 -2.31 -2.93
CA SER A 54 -6.60 -3.54 -2.77
C SER A 54 -7.61 -3.68 -3.92
N GLN A 55 -8.11 -2.59 -4.44
CA GLN A 55 -9.14 -2.68 -5.52
C GLN A 55 -8.50 -2.86 -6.90
N LEU A 56 -7.48 -2.11 -7.19
CA LEU A 56 -6.84 -2.22 -8.55
C LEU A 56 -5.98 -3.49 -8.61
N PHE A 57 -6.02 -4.30 -7.58
CA PHE A 57 -5.20 -5.54 -7.54
C PHE A 57 -6.10 -6.72 -7.14
N PRO A 58 -7.01 -7.11 -7.98
CA PRO A 58 -7.94 -8.25 -7.69
C PRO A 58 -7.22 -9.44 -7.02
N GLY A 59 -5.94 -9.55 -7.23
CA GLY A 59 -5.19 -10.68 -6.62
C GLY A 59 -3.71 -10.60 -7.03
N MET A 60 -3.07 -9.50 -6.74
CA MET A 60 -1.64 -9.35 -7.13
C MET A 60 -1.45 -9.66 -8.61
N THR A 61 -1.80 -8.74 -9.47
CA THR A 61 -1.65 -8.99 -10.94
C THR A 61 -0.16 -9.05 -11.28
N GLY A 62 0.35 -10.22 -11.49
CA GLY A 62 1.80 -10.35 -11.83
C GLY A 62 2.07 -9.66 -13.18
N PRO A 1 14.04 -4.67 -3.95
CA PRO A 1 12.59 -4.92 -4.23
C PRO A 1 12.26 -4.42 -5.64
N GLU A 2 13.25 -4.27 -6.49
CA GLU A 2 12.98 -3.78 -7.87
C GLU A 2 11.95 -4.69 -8.54
N GLU A 3 11.87 -5.92 -8.13
CA GLU A 3 10.90 -6.85 -8.75
C GLU A 3 9.48 -6.34 -8.54
N VAL A 4 9.09 -6.12 -7.31
CA VAL A 4 7.71 -5.62 -7.04
C VAL A 4 7.56 -4.20 -7.58
N ILE A 5 8.47 -3.33 -7.26
CA ILE A 5 8.37 -1.92 -7.77
C ILE A 5 8.12 -1.94 -9.27
N SER A 6 8.53 -2.99 -9.92
CA SER A 6 8.29 -3.07 -11.39
C SER A 6 6.79 -3.20 -11.64
N LYS A 7 6.11 -3.95 -10.80
CA LYS A 7 4.63 -4.12 -10.98
C LYS A 7 3.89 -2.85 -10.55
N ILE A 8 4.41 -2.14 -9.59
CA ILE A 8 3.73 -0.90 -9.11
C ILE A 8 3.64 0.12 -10.27
N MET A 9 4.45 -0.04 -11.28
CA MET A 9 4.40 0.92 -12.42
C MET A 9 3.01 0.90 -13.07
N GLU A 10 2.18 -0.02 -12.65
CA GLU A 10 0.82 -0.11 -13.25
C GLU A 10 -0.01 1.11 -12.84
N ASN A 11 0.49 1.91 -11.93
CA ASN A 11 -0.29 3.10 -11.49
C ASN A 11 0.66 4.11 -10.83
N PRO A 12 1.20 5.05 -11.57
CA PRO A 12 2.13 6.06 -11.00
C PRO A 12 1.57 6.68 -9.70
N ASP A 13 0.33 6.43 -9.43
CA ASP A 13 -0.28 6.96 -8.18
C ASP A 13 0.28 6.21 -6.98
N VAL A 14 0.42 4.92 -7.09
CA VAL A 14 0.97 4.13 -5.95
C VAL A 14 2.48 4.39 -5.88
N ALA A 15 3.10 4.49 -7.01
CA ALA A 15 4.56 4.75 -7.05
C ALA A 15 4.85 6.11 -6.41
N MET A 16 4.01 7.07 -6.68
CA MET A 16 4.22 8.43 -6.08
C MET A 16 3.80 8.37 -4.62
N ALA A 17 2.79 7.61 -4.33
CA ALA A 17 2.33 7.48 -2.92
C ALA A 17 3.39 6.70 -2.15
N PHE A 18 4.01 5.76 -2.81
CA PHE A 18 5.08 4.95 -2.14
C PHE A 18 6.11 5.92 -1.54
N GLN A 19 6.16 7.13 -2.03
CA GLN A 19 7.13 8.12 -1.50
C GLN A 19 6.52 8.86 -0.30
N ASN A 20 5.57 8.26 0.36
CA ASN A 20 4.93 8.89 1.55
C ASN A 20 5.33 8.09 2.79
N PRO A 21 5.51 8.73 3.93
CA PRO A 21 5.91 8.02 5.17
C PRO A 21 4.79 7.13 5.71
N ARG A 22 3.59 7.62 5.74
CA ARG A 22 2.45 6.81 6.26
C ARG A 22 2.29 5.56 5.38
N VAL A 23 2.55 5.68 4.11
CA VAL A 23 2.42 4.51 3.19
C VAL A 23 3.58 3.57 3.43
N GLN A 24 4.80 4.06 3.38
CA GLN A 24 5.97 3.18 3.61
C GLN A 24 5.83 2.56 5.00
N ALA A 25 5.29 3.31 5.92
CA ALA A 25 5.09 2.79 7.30
C ALA A 25 3.95 1.78 7.29
N ALA A 26 3.00 1.98 6.42
CA ALA A 26 1.85 1.04 6.33
C ALA A 26 2.36 -0.30 5.80
N LEU A 27 3.21 -0.26 4.80
CA LEU A 27 3.75 -1.53 4.24
C LEU A 27 4.72 -2.15 5.24
N MET A 28 5.64 -1.37 5.75
CA MET A 28 6.60 -1.91 6.74
C MET A 28 5.82 -2.48 7.92
N GLU A 29 4.78 -1.79 8.33
CA GLU A 29 3.96 -2.28 9.46
C GLU A 29 3.08 -3.45 8.97
N CYS A 30 2.74 -3.48 7.71
CA CYS A 30 1.90 -4.61 7.20
C CYS A 30 2.62 -5.93 7.44
N SER A 31 3.93 -5.92 7.40
CA SER A 31 4.70 -7.17 7.63
C SER A 31 4.24 -7.85 8.92
N GLU A 32 3.76 -7.07 9.87
CA GLU A 32 3.30 -7.67 11.15
C GLU A 32 2.01 -8.45 10.92
N ASN A 33 1.01 -7.81 10.37
CA ASN A 33 -0.29 -8.52 10.10
C ASN A 33 -1.33 -7.47 9.65
N PRO A 34 -2.41 -7.89 9.02
CA PRO A 34 -3.48 -6.97 8.56
C PRO A 34 -3.88 -5.94 9.63
N MET A 35 -3.41 -6.11 10.84
CA MET A 35 -3.76 -5.15 11.92
C MET A 35 -3.19 -3.78 11.58
N ASN A 36 -2.40 -3.72 10.54
CA ASN A 36 -1.81 -2.41 10.14
C ASN A 36 -2.91 -1.43 9.78
N ILE A 37 -3.74 -1.79 8.83
CA ILE A 37 -4.83 -0.88 8.40
C ILE A 37 -5.81 -0.66 9.57
N MET A 38 -5.86 -1.59 10.50
CA MET A 38 -6.77 -1.43 11.65
C MET A 38 -6.28 -0.29 12.54
N LYS A 39 -5.25 0.41 12.12
CA LYS A 39 -4.69 1.54 12.92
C LYS A 39 -4.59 2.78 12.02
N TYR A 40 -4.17 2.60 10.79
CA TYR A 40 -4.06 3.76 9.87
C TYR A 40 -5.45 4.15 9.37
N GLN A 41 -6.46 3.48 9.84
CA GLN A 41 -7.85 3.79 9.40
C GLN A 41 -8.09 5.30 9.53
N ASN A 42 -7.40 5.94 10.42
CA ASN A 42 -7.58 7.42 10.59
C ASN A 42 -6.71 8.14 9.57
N ASP A 43 -5.67 7.50 9.11
CA ASP A 43 -4.77 8.14 8.11
C ASP A 43 -5.42 8.04 6.72
N LYS A 44 -6.18 9.03 6.34
CA LYS A 44 -6.89 8.99 5.03
C LYS A 44 -5.89 8.68 3.89
N GLU A 45 -4.65 9.04 4.04
CA GLU A 45 -3.68 8.77 2.94
C GLU A 45 -3.46 7.26 2.82
N VAL A 46 -3.28 6.57 3.91
CA VAL A 46 -3.05 5.11 3.86
C VAL A 46 -4.32 4.37 3.47
N MET A 47 -5.45 4.75 4.00
CA MET A 47 -6.70 4.00 3.64
C MET A 47 -6.95 4.13 2.14
N ASP A 48 -6.87 5.31 1.61
CA ASP A 48 -7.09 5.48 0.15
C ASP A 48 -6.07 4.64 -0.63
N VAL A 49 -4.88 4.53 -0.10
CA VAL A 49 -3.81 3.76 -0.79
C VAL A 49 -4.03 2.26 -0.61
N PHE A 50 -4.14 1.82 0.61
CA PHE A 50 -4.33 0.38 0.88
C PHE A 50 -5.68 -0.08 0.32
N ASN A 51 -6.61 0.83 0.21
CA ASN A 51 -7.94 0.45 -0.35
C ASN A 51 -7.82 0.40 -1.87
N LYS A 52 -6.91 1.17 -2.42
CA LYS A 52 -6.72 1.16 -3.89
C LYS A 52 -5.90 -0.05 -4.26
N ILE A 53 -4.96 -0.37 -3.42
CA ILE A 53 -4.08 -1.54 -3.64
C ILE A 53 -4.92 -2.81 -3.59
N SER A 54 -5.91 -2.83 -2.76
CA SER A 54 -6.74 -4.06 -2.62
C SER A 54 -7.82 -4.14 -3.70
N GLN A 55 -8.32 -3.01 -4.15
CA GLN A 55 -9.41 -3.03 -5.17
C GLN A 55 -8.86 -3.18 -6.59
N LEU A 56 -7.79 -2.52 -6.91
CA LEU A 56 -7.22 -2.61 -8.29
C LEU A 56 -6.35 -3.85 -8.42
N PHE A 57 -6.29 -4.66 -7.40
CA PHE A 57 -5.45 -5.91 -7.43
C PHE A 57 -6.29 -7.09 -6.94
N PRO A 58 -7.26 -7.51 -7.71
CA PRO A 58 -8.15 -8.66 -7.33
C PRO A 58 -7.37 -9.82 -6.72
N GLY A 59 -7.41 -9.96 -5.42
CA GLY A 59 -6.67 -11.08 -4.76
C GLY A 59 -5.18 -10.92 -5.02
N MET A 60 -4.66 -9.73 -4.89
CA MET A 60 -3.21 -9.51 -5.14
C MET A 60 -2.81 -10.11 -6.50
N THR A 61 -1.55 -10.22 -6.76
CA THR A 61 -1.10 -10.80 -8.05
C THR A 61 -1.43 -12.29 -8.10
N GLY A 62 -0.91 -13.05 -7.18
CA GLY A 62 -1.19 -14.51 -7.17
C GLY A 62 -2.69 -14.74 -6.97
N PRO A 1 12.85 -5.07 -1.85
CA PRO A 1 11.59 -5.59 -2.42
C PRO A 1 11.39 -4.98 -3.83
N GLU A 2 12.46 -4.72 -4.52
CA GLU A 2 12.34 -4.13 -5.88
C GLU A 2 11.44 -5.03 -6.75
N GLU A 3 11.44 -6.31 -6.49
CA GLU A 3 10.59 -7.22 -7.29
C GLU A 3 9.13 -6.78 -7.19
N VAL A 4 8.66 -6.50 -6.01
CA VAL A 4 7.25 -6.05 -5.87
C VAL A 4 7.11 -4.68 -6.51
N ILE A 5 8.06 -3.83 -6.30
CA ILE A 5 7.99 -2.46 -6.91
C ILE A 5 7.74 -2.60 -8.41
N SER A 6 8.13 -3.71 -8.96
CA SER A 6 7.91 -3.92 -10.42
C SER A 6 6.41 -4.07 -10.68
N LYS A 7 5.70 -4.72 -9.79
CA LYS A 7 4.23 -4.92 -10.00
C LYS A 7 3.47 -3.61 -9.73
N ILE A 8 3.96 -2.78 -8.85
CA ILE A 8 3.26 -1.49 -8.55
C ILE A 8 3.15 -0.66 -9.82
N MET A 9 4.03 -0.85 -10.77
CA MET A 9 3.97 -0.06 -12.03
C MET A 9 2.60 -0.25 -12.68
N GLU A 10 1.80 -1.13 -12.15
CA GLU A 10 0.46 -1.38 -12.73
C GLU A 10 -0.43 -0.14 -12.53
N ASN A 11 0.02 0.79 -11.74
CA ASN A 11 -0.80 2.01 -11.48
C ASN A 11 0.13 3.14 -11.01
N PRO A 12 0.65 3.94 -11.90
CA PRO A 12 1.56 5.07 -11.54
C PRO A 12 1.02 5.88 -10.35
N ASP A 13 -0.22 5.66 -10.01
CA ASP A 13 -0.84 6.40 -8.87
C ASP A 13 -0.24 5.86 -7.57
N VAL A 14 -0.07 4.57 -7.47
CA VAL A 14 0.53 3.98 -6.23
C VAL A 14 2.02 4.25 -6.25
N ALA A 15 2.62 4.16 -7.40
CA ALA A 15 4.08 4.43 -7.49
C ALA A 15 4.34 5.86 -7.03
N MET A 16 3.44 6.76 -7.33
CA MET A 16 3.61 8.17 -6.90
C MET A 16 3.30 8.26 -5.42
N ALA A 17 2.37 7.47 -4.95
CA ALA A 17 2.02 7.48 -3.50
C ALA A 17 3.14 6.82 -2.72
N PHE A 18 3.78 5.86 -3.33
CA PHE A 18 4.91 5.15 -2.66
C PHE A 18 5.95 6.19 -2.20
N GLN A 19 5.92 7.37 -2.75
CA GLN A 19 6.92 8.41 -2.35
C GLN A 19 6.52 9.02 -0.99
N ASN A 20 5.57 8.41 -0.32
CA ASN A 20 5.13 8.94 1.01
C ASN A 20 5.67 8.00 2.10
N PRO A 21 6.13 8.51 3.22
CA PRO A 21 6.66 7.65 4.31
C PRO A 21 5.56 6.85 5.00
N ARG A 22 4.47 7.48 5.32
CA ARG A 22 3.36 6.75 6.00
C ARG A 22 2.91 5.59 5.10
N VAL A 23 3.04 5.74 3.82
CA VAL A 23 2.65 4.65 2.88
C VAL A 23 3.69 3.54 2.95
N GLN A 24 4.94 3.89 2.78
CA GLN A 24 6.02 2.85 2.85
C GLN A 24 5.98 2.22 4.25
N ALA A 25 5.66 3.00 5.24
CA ALA A 25 5.59 2.45 6.63
C ALA A 25 4.38 1.55 6.76
N ALA A 26 3.34 1.85 6.05
CA ALA A 26 2.11 1.00 6.11
C ALA A 26 2.42 -0.36 5.47
N LEU A 27 3.08 -0.35 4.35
CA LEU A 27 3.43 -1.63 3.67
C LEU A 27 4.53 -2.34 4.47
N MET A 28 5.58 -1.64 4.82
CA MET A 28 6.67 -2.27 5.60
C MET A 28 6.07 -2.83 6.90
N GLU A 29 5.16 -2.10 7.49
CA GLU A 29 4.51 -2.59 8.74
C GLU A 29 3.54 -3.71 8.39
N CYS A 30 3.02 -3.70 7.19
CA CYS A 30 2.06 -4.79 6.81
C CYS A 30 2.74 -6.15 6.95
N SER A 31 4.01 -6.22 6.66
CA SER A 31 4.73 -7.51 6.78
C SER A 31 4.49 -8.13 8.16
N GLU A 32 4.22 -7.31 9.15
CA GLU A 32 3.97 -7.85 10.51
C GLU A 32 2.63 -8.58 10.54
N ASN A 33 1.57 -7.91 10.16
CA ASN A 33 0.23 -8.55 10.16
C ASN A 33 -0.83 -7.48 9.82
N PRO A 34 -2.00 -7.87 9.33
CA PRO A 34 -3.08 -6.91 8.99
C PRO A 34 -3.30 -5.86 10.09
N MET A 35 -2.68 -6.02 11.22
CA MET A 35 -2.86 -5.03 12.32
C MET A 35 -2.32 -3.68 11.85
N ASN A 36 -1.68 -3.66 10.72
CA ASN A 36 -1.11 -2.38 10.20
C ASN A 36 -2.23 -1.38 9.96
N ILE A 37 -3.16 -1.73 9.12
CA ILE A 37 -4.28 -0.80 8.80
C ILE A 37 -5.11 -0.54 10.06
N MET A 38 -5.07 -1.43 11.00
CA MET A 38 -5.87 -1.23 12.25
C MET A 38 -5.31 -0.03 13.04
N LYS A 39 -4.57 0.83 12.39
CA LYS A 39 -3.99 2.03 13.09
C LYS A 39 -3.95 3.21 12.11
N TYR A 40 -3.62 2.96 10.88
CA TYR A 40 -3.56 4.06 9.88
C TYR A 40 -4.96 4.41 9.38
N GLN A 41 -5.97 3.78 9.90
CA GLN A 41 -7.36 4.09 9.45
C GLN A 41 -7.59 5.60 9.61
N ASN A 42 -6.86 6.22 10.51
CA ASN A 42 -7.02 7.69 10.72
C ASN A 42 -6.17 8.42 9.68
N ASP A 43 -5.09 7.82 9.26
CA ASP A 43 -4.22 8.47 8.24
C ASP A 43 -4.94 8.46 6.88
N LYS A 44 -5.71 9.48 6.60
CA LYS A 44 -6.46 9.53 5.32
C LYS A 44 -5.55 9.22 4.14
N GLU A 45 -4.27 9.44 4.28
CA GLU A 45 -3.35 9.14 3.15
C GLU A 45 -3.24 7.62 2.96
N VAL A 46 -2.96 6.92 4.02
CA VAL A 46 -2.83 5.44 3.93
C VAL A 46 -4.18 4.79 3.62
N MET A 47 -5.27 5.34 4.09
CA MET A 47 -6.58 4.68 3.81
C MET A 47 -6.90 4.76 2.32
N ASP A 48 -6.63 5.85 1.69
CA ASP A 48 -6.91 5.96 0.23
C ASP A 48 -5.99 5.00 -0.51
N VAL A 49 -4.81 4.83 -0.01
CA VAL A 49 -3.83 3.94 -0.67
C VAL A 49 -4.15 2.48 -0.37
N PHE A 50 -4.25 2.13 0.88
CA PHE A 50 -4.56 0.73 1.23
C PHE A 50 -5.94 0.37 0.69
N ASN A 51 -6.80 1.35 0.54
CA ASN A 51 -8.16 1.06 -0.01
C ASN A 51 -8.04 0.91 -1.52
N LYS A 52 -7.05 1.54 -2.11
CA LYS A 52 -6.87 1.42 -3.58
C LYS A 52 -6.17 0.09 -3.86
N ILE A 53 -5.13 -0.15 -3.13
CA ILE A 53 -4.35 -1.40 -3.29
C ILE A 53 -5.32 -2.61 -3.24
N SER A 54 -6.23 -2.60 -2.32
CA SER A 54 -7.17 -3.75 -2.19
C SER A 54 -8.29 -3.64 -3.22
N GLN A 55 -8.74 -2.46 -3.53
CA GLN A 55 -9.84 -2.33 -4.54
C GLN A 55 -9.31 -2.73 -5.92
N LEU A 56 -8.07 -2.44 -6.19
CA LEU A 56 -7.48 -2.79 -7.52
C LEU A 56 -6.81 -4.17 -7.42
N PHE A 57 -6.37 -4.55 -6.24
CA PHE A 57 -5.71 -5.89 -6.07
C PHE A 57 -6.45 -6.70 -4.98
N PRO A 58 -7.73 -6.87 -5.11
CA PRO A 58 -8.55 -7.65 -4.12
C PRO A 58 -8.15 -9.13 -4.08
N GLY A 59 -7.08 -9.48 -4.73
CA GLY A 59 -6.64 -10.91 -4.73
C GLY A 59 -5.34 -11.04 -5.52
N MET A 60 -5.26 -10.43 -6.67
CA MET A 60 -4.01 -10.53 -7.49
C MET A 60 -2.88 -9.80 -6.75
N THR A 61 -2.08 -10.52 -6.02
CA THR A 61 -0.95 -9.87 -5.29
C THR A 61 0.05 -10.94 -4.83
N GLY A 62 -0.31 -11.72 -3.85
CA GLY A 62 0.61 -12.78 -3.37
C GLY A 62 0.91 -13.76 -4.51
N PRO A 1 13.21 -5.51 -3.65
CA PRO A 1 11.79 -5.82 -3.98
C PRO A 1 11.42 -5.13 -5.30
N GLU A 2 12.39 -4.78 -6.09
CA GLU A 2 12.10 -4.11 -7.39
C GLU A 2 11.16 -5.00 -8.22
N GLU A 3 11.18 -6.27 -8.00
CA GLU A 3 10.30 -7.19 -8.76
C GLU A 3 8.83 -6.84 -8.49
N VAL A 4 8.44 -6.77 -7.25
CA VAL A 4 7.02 -6.45 -6.92
C VAL A 4 6.75 -4.98 -7.20
N ILE A 5 7.63 -4.09 -6.78
CA ILE A 5 7.38 -2.65 -7.05
C ILE A 5 7.11 -2.46 -8.54
N SER A 6 7.59 -3.38 -9.34
CA SER A 6 7.35 -3.28 -10.81
C SER A 6 5.85 -3.47 -11.08
N LYS A 7 5.20 -4.33 -10.34
CA LYS A 7 3.73 -4.55 -10.58
C LYS A 7 2.94 -3.34 -10.08
N ILE A 8 3.44 -2.68 -9.07
CA ILE A 8 2.72 -1.50 -8.51
C ILE A 8 2.82 -0.32 -9.49
N MET A 9 3.75 -0.36 -10.39
CA MET A 9 3.87 0.77 -11.36
C MET A 9 2.58 0.82 -12.19
N GLU A 10 1.74 -0.17 -12.02
CA GLU A 10 0.45 -0.20 -12.78
C GLU A 10 -0.32 1.10 -12.57
N ASN A 11 0.11 1.91 -11.65
CA ASN A 11 -0.62 3.19 -11.37
C ASN A 11 0.37 4.23 -10.83
N PRO A 12 0.95 5.05 -11.69
CA PRO A 12 1.92 6.09 -11.23
C PRO A 12 1.41 6.83 -10.00
N ASP A 13 0.14 6.72 -9.74
CA ASP A 13 -0.45 7.39 -8.54
C ASP A 13 0.02 6.66 -7.29
N VAL A 14 0.06 5.36 -7.33
CA VAL A 14 0.52 4.58 -6.16
C VAL A 14 2.03 4.74 -6.05
N ALA A 15 2.70 4.72 -7.17
CA ALA A 15 4.16 4.89 -7.15
C ALA A 15 4.49 6.25 -6.52
N MET A 16 3.67 7.23 -6.79
CA MET A 16 3.90 8.58 -6.21
C MET A 16 3.49 8.54 -4.74
N ALA A 17 2.46 7.80 -4.45
CA ALA A 17 1.99 7.71 -3.04
C ALA A 17 3.02 6.89 -2.27
N PHE A 18 3.65 5.96 -2.94
CA PHE A 18 4.69 5.13 -2.28
C PHE A 18 5.75 6.07 -1.70
N GLN A 19 5.81 7.28 -2.19
CA GLN A 19 6.82 8.26 -1.68
C GLN A 19 6.24 9.03 -0.51
N ASN A 20 5.27 8.47 0.18
CA ASN A 20 4.66 9.16 1.36
C ASN A 20 5.10 8.40 2.62
N PRO A 21 5.27 9.08 3.73
CA PRO A 21 5.72 8.42 4.98
C PRO A 21 4.64 7.48 5.57
N ARG A 22 3.42 7.93 5.63
CA ARG A 22 2.34 7.07 6.17
C ARG A 22 2.22 5.82 5.30
N VAL A 23 2.46 5.94 4.03
CA VAL A 23 2.35 4.76 3.12
C VAL A 23 3.56 3.86 3.33
N GLN A 24 4.75 4.41 3.24
CA GLN A 24 5.97 3.57 3.45
C GLN A 24 5.88 2.94 4.84
N ALA A 25 5.32 3.66 5.77
CA ALA A 25 5.16 3.11 7.15
C ALA A 25 4.03 2.09 7.15
N ALA A 26 3.07 2.26 6.29
CA ALA A 26 1.93 1.30 6.23
C ALA A 26 2.45 -0.03 5.69
N LEU A 27 3.26 0.00 4.67
CA LEU A 27 3.81 -1.27 4.10
C LEU A 27 4.83 -1.84 5.08
N MET A 28 5.76 -1.04 5.53
CA MET A 28 6.78 -1.54 6.49
C MET A 28 6.05 -2.10 7.71
N GLU A 29 5.02 -1.43 8.14
CA GLU A 29 4.26 -1.92 9.33
C GLU A 29 3.41 -3.13 8.91
N CYS A 30 3.05 -3.22 7.66
CA CYS A 30 2.24 -4.39 7.21
C CYS A 30 2.99 -5.68 7.51
N SER A 31 4.28 -5.67 7.37
CA SER A 31 5.07 -6.90 7.64
C SER A 31 4.71 -7.46 9.02
N GLU A 32 4.29 -6.61 9.92
CA GLU A 32 3.93 -7.10 11.28
C GLU A 32 2.66 -7.94 11.20
N ASN A 33 1.61 -7.39 10.66
CA ASN A 33 0.33 -8.15 10.56
C ASN A 33 -0.75 -7.20 10.00
N PRO A 34 -1.81 -7.72 9.41
CA PRO A 34 -2.90 -6.89 8.85
C PRO A 34 -3.38 -5.84 9.85
N MET A 35 -2.91 -5.91 11.08
CA MET A 35 -3.35 -4.91 12.10
C MET A 35 -2.84 -3.53 11.67
N ASN A 36 -2.04 -3.48 10.65
CA ASN A 36 -1.50 -2.18 10.18
C ASN A 36 -2.66 -1.27 9.81
N ILE A 37 -3.47 -1.68 8.87
CA ILE A 37 -4.60 -0.83 8.43
C ILE A 37 -5.53 -0.56 9.61
N MET A 38 -5.69 -1.51 10.49
CA MET A 38 -6.60 -1.29 11.66
C MET A 38 -6.12 -0.06 12.43
N LYS A 39 -4.89 0.36 12.20
CA LYS A 39 -4.36 1.56 12.90
C LYS A 39 -4.45 2.77 11.97
N TYR A 40 -4.02 2.63 10.74
CA TYR A 40 -4.08 3.77 9.79
C TYR A 40 -5.53 3.98 9.35
N GLN A 41 -6.44 3.27 9.94
CA GLN A 41 -7.87 3.43 9.56
C GLN A 41 -8.26 4.90 9.67
N ASN A 42 -7.52 5.67 10.43
CA ASN A 42 -7.82 7.12 10.57
C ASN A 42 -7.04 7.90 9.51
N ASP A 43 -6.00 7.32 8.97
CA ASP A 43 -5.19 8.02 7.93
C ASP A 43 -5.84 7.79 6.56
N LYS A 44 -6.74 8.67 6.17
CA LYS A 44 -7.42 8.51 4.85
C LYS A 44 -6.39 8.30 3.74
N GLU A 45 -5.24 8.89 3.85
CA GLU A 45 -4.20 8.71 2.79
C GLU A 45 -3.87 7.22 2.65
N VAL A 46 -3.57 6.57 3.75
CA VAL A 46 -3.24 5.13 3.69
C VAL A 46 -4.47 4.32 3.29
N MET A 47 -5.62 4.73 3.73
CA MET A 47 -6.86 3.95 3.37
C MET A 47 -7.04 3.98 1.87
N ASP A 48 -6.94 5.13 1.28
CA ASP A 48 -7.11 5.23 -0.20
C ASP A 48 -6.03 4.40 -0.89
N VAL A 49 -4.86 4.34 -0.31
CA VAL A 49 -3.75 3.58 -0.93
C VAL A 49 -3.93 2.08 -0.69
N PHE A 50 -4.06 1.69 0.53
CA PHE A 50 -4.23 0.25 0.86
C PHE A 50 -5.56 -0.25 0.27
N ASN A 51 -6.50 0.63 0.11
CA ASN A 51 -7.80 0.22 -0.48
C ASN A 51 -7.63 0.13 -1.99
N LYS A 52 -6.71 0.87 -2.53
CA LYS A 52 -6.46 0.82 -4.00
C LYS A 52 -5.64 -0.43 -4.27
N ILE A 53 -4.61 -0.61 -3.52
CA ILE A 53 -3.73 -1.80 -3.68
C ILE A 53 -4.60 -3.06 -3.70
N SER A 54 -5.57 -3.14 -2.82
CA SER A 54 -6.43 -4.34 -2.76
C SER A 54 -7.52 -4.31 -3.82
N GLN A 55 -7.94 -3.15 -4.27
CA GLN A 55 -9.02 -3.09 -5.29
C GLN A 55 -8.42 -3.37 -6.67
N LEU A 56 -7.21 -2.96 -6.90
CA LEU A 56 -6.56 -3.19 -8.22
C LEU A 56 -5.85 -4.55 -8.19
N PHE A 57 -5.49 -5.03 -7.02
CA PHE A 57 -4.84 -6.38 -6.94
C PHE A 57 -4.92 -6.91 -5.50
N PRO A 58 -5.98 -7.63 -5.16
CA PRO A 58 -6.16 -8.20 -3.79
C PRO A 58 -4.90 -8.94 -3.29
N GLY A 59 -4.06 -8.26 -2.57
CA GLY A 59 -2.82 -8.92 -2.06
C GLY A 59 -1.83 -9.08 -3.22
N MET A 60 -2.22 -9.77 -4.25
CA MET A 60 -1.30 -9.97 -5.40
C MET A 60 -2.08 -10.56 -6.58
N THR A 61 -1.83 -10.09 -7.77
CA THR A 61 -2.56 -10.63 -8.95
C THR A 61 -2.31 -12.14 -9.07
N GLY A 62 -1.22 -12.52 -9.67
CA GLY A 62 -0.91 -13.97 -9.82
C GLY A 62 -0.63 -14.57 -8.44
N PRO A 1 13.84 -4.64 -1.55
CA PRO A 1 12.54 -5.07 -2.12
C PRO A 1 12.42 -4.54 -3.55
N GLU A 2 13.52 -4.33 -4.22
CA GLU A 2 13.46 -3.82 -5.61
C GLU A 2 12.59 -4.75 -6.47
N GLU A 3 12.48 -5.98 -6.07
CA GLU A 3 11.67 -6.96 -6.86
C GLU A 3 10.21 -6.51 -6.93
N VAL A 4 9.54 -6.36 -5.79
CA VAL A 4 8.11 -5.94 -5.83
C VAL A 4 8.01 -4.49 -6.30
N ILE A 5 8.86 -3.63 -5.82
CA ILE A 5 8.79 -2.20 -6.24
C ILE A 5 8.77 -2.11 -7.78
N SER A 6 9.35 -3.07 -8.43
CA SER A 6 9.35 -3.04 -9.92
C SER A 6 7.92 -3.22 -10.44
N LYS A 7 7.15 -4.05 -9.80
CA LYS A 7 5.75 -4.28 -10.26
C LYS A 7 4.86 -3.08 -9.91
N ILE A 8 5.18 -2.38 -8.85
CA ILE A 8 4.36 -1.19 -8.47
C ILE A 8 4.37 -0.18 -9.62
N MET A 9 5.40 -0.19 -10.42
CA MET A 9 5.49 0.77 -11.55
C MET A 9 4.29 0.57 -12.47
N GLU A 10 3.50 -0.44 -12.21
CA GLU A 10 2.31 -0.69 -13.07
C GLU A 10 1.31 0.45 -12.91
N ASN A 11 1.48 1.27 -11.91
CA ASN A 11 0.54 2.40 -11.68
C ASN A 11 1.31 3.57 -11.02
N PRO A 12 1.86 4.47 -11.79
CA PRO A 12 2.61 5.64 -11.24
C PRO A 12 1.87 6.29 -10.06
N ASP A 13 0.63 5.96 -9.90
CA ASP A 13 -0.17 6.53 -8.78
C ASP A 13 0.30 5.90 -7.46
N VAL A 14 0.50 4.61 -7.44
CA VAL A 14 0.96 3.94 -6.20
C VAL A 14 2.45 4.20 -6.03
N ALA A 15 3.19 4.14 -7.11
CA ALA A 15 4.64 4.39 -7.02
C ALA A 15 4.86 5.79 -6.44
N MET A 16 3.99 6.71 -6.80
CA MET A 16 4.11 8.10 -6.27
C MET A 16 3.63 8.10 -4.82
N ALA A 17 2.64 7.30 -4.53
CA ALA A 17 2.12 7.22 -3.14
C ALA A 17 3.17 6.52 -2.29
N PHE A 18 3.88 5.61 -2.89
CA PHE A 18 4.93 4.88 -2.13
C PHE A 18 5.95 5.90 -1.61
N GLN A 19 6.00 7.07 -2.20
CA GLN A 19 6.98 8.11 -1.75
C GLN A 19 6.45 8.81 -0.51
N ASN A 20 5.44 8.26 0.13
CA ASN A 20 4.87 8.89 1.37
C ASN A 20 5.35 8.04 2.56
N PRO A 21 5.67 8.66 3.67
CA PRO A 21 6.17 7.90 4.86
C PRO A 21 5.08 7.05 5.52
N ARG A 22 3.91 7.59 5.72
CA ARG A 22 2.83 6.81 6.35
C ARG A 22 2.47 5.62 5.46
N VAL A 23 2.69 5.77 4.18
CA VAL A 23 2.38 4.66 3.23
C VAL A 23 3.46 3.58 3.36
N GLN A 24 4.71 3.95 3.24
CA GLN A 24 5.79 2.93 3.40
C GLN A 24 5.61 2.25 4.75
N ALA A 25 5.17 2.98 5.73
CA ALA A 25 4.95 2.40 7.08
C ALA A 25 3.69 1.55 7.05
N ALA A 26 2.75 1.90 6.22
CA ALA A 26 1.48 1.12 6.14
C ALA A 26 1.79 -0.25 5.53
N LEU A 27 2.52 -0.27 4.43
CA LEU A 27 2.86 -1.57 3.79
C LEU A 27 3.89 -2.30 4.67
N MET A 28 4.89 -1.60 5.13
CA MET A 28 5.91 -2.26 5.99
C MET A 28 5.22 -2.82 7.23
N GLU A 29 4.29 -2.09 7.77
CA GLU A 29 3.56 -2.57 8.99
C GLU A 29 2.59 -3.68 8.57
N CYS A 30 2.17 -3.70 7.33
CA CYS A 30 1.23 -4.76 6.87
C CYS A 30 1.82 -6.13 7.16
N SER A 31 3.12 -6.27 7.02
CA SER A 31 3.75 -7.59 7.28
C SER A 31 3.33 -8.09 8.66
N GLU A 32 3.01 -7.20 9.56
CA GLU A 32 2.59 -7.62 10.92
C GLU A 32 1.24 -8.33 10.83
N ASN A 33 0.26 -7.67 10.26
CA ASN A 33 -1.09 -8.29 10.15
C ASN A 33 -2.05 -7.25 9.56
N PRO A 34 -3.17 -7.68 9.03
CA PRO A 34 -4.18 -6.75 8.45
C PRO A 34 -4.55 -5.63 9.45
N MET A 35 -4.09 -5.75 10.67
CA MET A 35 -4.42 -4.71 11.69
C MET A 35 -3.72 -3.40 11.31
N ASN A 36 -2.87 -3.44 10.33
CA ASN A 36 -2.16 -2.19 9.92
C ASN A 36 -3.18 -1.14 9.48
N ILE A 37 -3.96 -1.46 8.49
CA ILE A 37 -4.96 -0.49 7.98
C ILE A 37 -6.00 -0.19 9.07
N MET A 38 -6.25 -1.13 9.94
CA MET A 38 -7.24 -0.89 11.02
C MET A 38 -6.81 0.33 11.84
N LYS A 39 -5.55 0.68 11.76
CA LYS A 39 -5.04 1.87 12.51
C LYS A 39 -5.01 3.08 11.59
N TYR A 40 -4.49 2.93 10.41
CA TYR A 40 -4.43 4.07 9.46
C TYR A 40 -5.83 4.32 8.90
N GLN A 41 -6.80 3.60 9.37
CA GLN A 41 -8.20 3.80 8.87
C GLN A 41 -8.56 5.28 8.95
N ASN A 42 -7.93 6.00 9.85
CA ASN A 42 -8.21 7.45 9.97
C ASN A 42 -7.37 8.21 8.95
N ASP A 43 -6.26 7.63 8.54
CA ASP A 43 -5.39 8.31 7.54
C ASP A 43 -5.96 8.09 6.14
N LYS A 44 -6.85 8.96 5.70
CA LYS A 44 -7.46 8.81 4.36
C LYS A 44 -6.36 8.62 3.30
N GLU A 45 -5.20 9.17 3.52
CA GLU A 45 -4.11 9.01 2.52
C GLU A 45 -3.76 7.53 2.39
N VAL A 46 -3.53 6.86 3.49
CA VAL A 46 -3.19 5.42 3.44
C VAL A 46 -4.38 4.62 2.92
N MET A 47 -5.57 4.93 3.35
CA MET A 47 -6.75 4.17 2.87
C MET A 47 -6.87 4.29 1.36
N ASP A 48 -6.66 5.46 0.84
CA ASP A 48 -6.76 5.65 -0.63
C ASP A 48 -5.79 4.71 -1.36
N VAL A 49 -4.54 4.76 -0.98
CA VAL A 49 -3.51 3.92 -1.65
C VAL A 49 -3.68 2.44 -1.30
N PHE A 50 -3.94 2.12 -0.07
CA PHE A 50 -4.10 0.69 0.32
C PHE A 50 -5.41 0.13 -0.28
N ASN A 51 -6.43 0.95 -0.38
CA ASN A 51 -7.70 0.47 -0.97
C ASN A 51 -7.50 0.29 -2.46
N LYS A 52 -6.57 0.99 -3.03
CA LYS A 52 -6.31 0.84 -4.48
C LYS A 52 -5.54 -0.45 -4.67
N ILE A 53 -4.62 -0.68 -3.79
CA ILE A 53 -3.80 -1.90 -3.84
C ILE A 53 -4.72 -3.12 -3.81
N SER A 54 -5.81 -3.02 -3.12
CA SER A 54 -6.75 -4.18 -3.02
C SER A 54 -7.67 -4.28 -4.24
N GLN A 55 -8.06 -3.16 -4.79
CA GLN A 55 -9.00 -3.19 -5.96
C GLN A 55 -8.24 -3.38 -7.27
N LEU A 56 -7.18 -2.66 -7.45
CA LEU A 56 -6.41 -2.77 -8.72
C LEU A 56 -5.64 -4.10 -8.75
N PHE A 57 -5.85 -4.93 -7.77
CA PHE A 57 -5.13 -6.24 -7.70
C PHE A 57 -6.14 -7.35 -7.41
N PRO A 58 -7.00 -7.66 -8.35
CA PRO A 58 -8.03 -8.72 -8.19
C PRO A 58 -7.47 -9.97 -7.50
N GLY A 59 -8.10 -10.42 -6.45
CA GLY A 59 -7.60 -11.64 -5.74
C GLY A 59 -6.21 -11.36 -5.17
N MET A 60 -5.93 -10.13 -4.83
CA MET A 60 -4.59 -9.79 -4.26
C MET A 60 -3.49 -10.31 -5.19
N THR A 61 -2.32 -10.57 -4.65
CA THR A 61 -1.21 -11.07 -5.50
C THR A 61 -0.12 -11.66 -4.60
N GLY A 62 -0.23 -12.91 -4.24
CA GLY A 62 0.81 -13.53 -3.37
C GLY A 62 2.13 -13.63 -4.14
N PRO A 1 13.62 -5.31 -3.48
CA PRO A 1 12.19 -5.51 -3.83
C PRO A 1 11.89 -4.78 -5.14
N GLU A 2 12.89 -4.52 -5.93
CA GLU A 2 12.66 -3.81 -7.22
C GLU A 2 11.64 -4.59 -8.06
N GLU A 3 11.56 -5.88 -7.85
CA GLU A 3 10.59 -6.69 -8.64
C GLU A 3 9.16 -6.28 -8.28
N VAL A 4 8.79 -6.37 -7.03
CA VAL A 4 7.42 -5.97 -6.64
C VAL A 4 7.21 -4.51 -7.03
N ILE A 5 8.10 -3.64 -6.64
CA ILE A 5 7.96 -2.21 -6.99
C ILE A 5 7.74 -2.09 -8.50
N SER A 6 8.20 -3.05 -9.26
CA SER A 6 8.00 -2.99 -10.73
C SER A 6 6.50 -3.19 -11.04
N LYS A 7 5.85 -4.05 -10.31
CA LYS A 7 4.40 -4.31 -10.58
C LYS A 7 3.55 -3.11 -10.10
N ILE A 8 4.00 -2.40 -9.09
CA ILE A 8 3.23 -1.23 -8.59
C ILE A 8 3.08 -0.21 -9.72
N MET A 9 4.03 -0.19 -10.62
CA MET A 9 3.96 0.79 -11.76
C MET A 9 2.66 0.59 -12.53
N GLU A 10 1.93 -0.43 -12.20
CA GLU A 10 0.65 -0.70 -12.90
C GLU A 10 -0.32 0.46 -12.66
N ASN A 11 0.01 1.31 -11.73
CA ASN A 11 -0.89 2.47 -11.41
C ASN A 11 -0.02 3.61 -10.86
N PRO A 12 0.46 4.49 -11.71
CA PRO A 12 1.31 5.65 -11.27
C PRO A 12 0.71 6.33 -10.03
N ASP A 13 -0.53 6.05 -9.74
CA ASP A 13 -1.18 6.67 -8.55
C ASP A 13 -0.59 6.04 -7.28
N VAL A 14 -0.41 4.75 -7.28
CA VAL A 14 0.17 4.08 -6.09
C VAL A 14 1.66 4.33 -6.05
N ALA A 15 2.28 4.31 -7.20
CA ALA A 15 3.74 4.56 -7.25
C ALA A 15 4.03 5.96 -6.69
N MET A 16 3.16 6.90 -6.95
CA MET A 16 3.35 8.27 -6.42
C MET A 16 2.99 8.27 -4.94
N ALA A 17 2.01 7.48 -4.59
CA ALA A 17 1.61 7.40 -3.16
C ALA A 17 2.72 6.69 -2.40
N PHE A 18 3.36 5.75 -3.04
CA PHE A 18 4.47 5.02 -2.38
C PHE A 18 5.53 6.03 -1.92
N GLN A 19 5.53 7.21 -2.51
CA GLN A 19 6.52 8.25 -2.12
C GLN A 19 6.00 9.04 -0.91
N ASN A 20 5.06 8.48 -0.17
CA ASN A 20 4.51 9.17 1.03
C ASN A 20 5.00 8.42 2.27
N PRO A 21 5.31 9.10 3.34
CA PRO A 21 5.82 8.43 4.58
C PRO A 21 4.73 7.61 5.27
N ARG A 22 3.55 8.15 5.41
CA ARG A 22 2.45 7.37 6.07
C ARG A 22 2.22 6.08 5.28
N VAL A 23 2.41 6.13 3.99
CA VAL A 23 2.21 4.91 3.15
C VAL A 23 3.40 3.97 3.36
N GLN A 24 4.60 4.46 3.20
CA GLN A 24 5.79 3.59 3.42
C GLN A 24 5.70 2.99 4.83
N ALA A 25 5.15 3.73 5.75
CA ALA A 25 5.00 3.22 7.14
C ALA A 25 3.88 2.18 7.16
N ALA A 26 2.90 2.34 6.30
CA ALA A 26 1.80 1.35 6.27
C ALA A 26 2.34 0.05 5.69
N LEU A 27 3.16 0.13 4.68
CA LEU A 27 3.74 -1.10 4.08
C LEU A 27 4.78 -1.67 5.06
N MET A 28 5.65 -0.83 5.57
CA MET A 28 6.67 -1.31 6.54
C MET A 28 5.97 -1.95 7.72
N GLU A 29 4.89 -1.35 8.18
CA GLU A 29 4.14 -1.92 9.33
C GLU A 29 3.39 -3.17 8.85
N CYS A 30 3.06 -3.23 7.59
CA CYS A 30 2.32 -4.42 7.08
C CYS A 30 3.15 -5.68 7.35
N SER A 31 4.43 -5.61 7.14
CA SER A 31 5.31 -6.79 7.37
C SER A 31 5.04 -7.36 8.77
N GLU A 32 4.66 -6.53 9.70
CA GLU A 32 4.40 -7.03 11.08
C GLU A 32 3.16 -7.92 11.07
N ASN A 33 2.05 -7.40 10.60
CA ASN A 33 0.80 -8.20 10.58
C ASN A 33 -0.34 -7.30 10.09
N PRO A 34 -1.41 -7.86 9.57
CA PRO A 34 -2.57 -7.08 9.08
C PRO A 34 -3.01 -6.01 10.10
N MET A 35 -2.47 -6.05 11.29
CA MET A 35 -2.84 -5.04 12.32
C MET A 35 -2.40 -3.66 11.84
N ASN A 36 -1.66 -3.61 10.76
CA ASN A 36 -1.20 -2.30 10.24
C ASN A 36 -2.41 -1.41 9.96
N ILE A 37 -3.30 -1.86 9.13
CA ILE A 37 -4.48 -1.03 8.78
C ILE A 37 -5.37 -0.86 10.02
N MET A 38 -5.28 -1.75 10.97
CA MET A 38 -6.12 -1.61 12.19
C MET A 38 -5.66 -0.40 13.01
N LYS A 39 -5.07 0.58 12.37
CA LYS A 39 -4.59 1.79 13.11
C LYS A 39 -4.61 2.99 12.16
N TYR A 40 -4.28 2.79 10.90
CA TYR A 40 -4.27 3.92 9.94
C TYR A 40 -5.66 4.14 9.36
N GLN A 41 -6.64 3.39 9.82
CA GLN A 41 -8.03 3.57 9.28
C GLN A 41 -8.40 5.06 9.38
N ASN A 42 -7.78 5.77 10.27
CA ASN A 42 -8.07 7.23 10.42
C ASN A 42 -7.22 8.01 9.42
N ASP A 43 -6.04 7.51 9.12
CA ASP A 43 -5.16 8.22 8.15
C ASP A 43 -5.80 8.14 6.75
N LYS A 44 -6.55 9.13 6.38
CA LYS A 44 -7.24 9.12 5.06
C LYS A 44 -6.27 8.80 3.92
N GLU A 45 -5.02 9.13 4.07
CA GLU A 45 -4.04 8.85 2.97
C GLU A 45 -3.81 7.34 2.87
N VAL A 46 -3.62 6.69 3.98
CA VAL A 46 -3.36 5.22 3.95
C VAL A 46 -4.64 4.45 3.63
N MET A 47 -5.77 4.89 4.10
CA MET A 47 -7.01 4.13 3.80
C MET A 47 -7.28 4.16 2.30
N ASP A 48 -7.17 5.31 1.70
CA ASP A 48 -7.40 5.41 0.24
C ASP A 48 -6.38 4.54 -0.49
N VAL A 49 -5.19 4.46 0.03
CA VAL A 49 -4.12 3.65 -0.63
C VAL A 49 -4.34 2.17 -0.36
N PHE A 50 -4.44 1.79 0.88
CA PHE A 50 -4.63 0.36 1.22
C PHE A 50 -5.98 -0.11 0.69
N ASN A 51 -6.91 0.77 0.54
CA ASN A 51 -8.25 0.37 -0.01
C ASN A 51 -8.13 0.25 -1.52
N LYS A 52 -7.22 0.98 -2.12
CA LYS A 52 -7.04 0.87 -3.59
C LYS A 52 -6.24 -0.39 -3.87
N ILE A 53 -5.18 -0.56 -3.14
CA ILE A 53 -4.31 -1.75 -3.31
C ILE A 53 -5.19 -3.00 -3.26
N SER A 54 -6.12 -3.06 -2.36
CA SER A 54 -6.99 -4.27 -2.23
C SER A 54 -8.12 -4.26 -3.28
N GLN A 55 -8.55 -3.12 -3.73
CA GLN A 55 -9.65 -3.10 -4.74
C GLN A 55 -9.09 -3.49 -6.10
N LEU A 56 -7.87 -3.09 -6.38
CA LEU A 56 -7.24 -3.44 -7.68
C LEU A 56 -6.49 -4.77 -7.54
N PHE A 57 -6.05 -5.09 -6.34
CA PHE A 57 -5.31 -6.37 -6.10
C PHE A 57 -6.03 -7.18 -5.00
N PRO A 58 -7.15 -7.79 -5.31
CA PRO A 58 -7.93 -8.60 -4.32
C PRO A 58 -7.36 -10.01 -4.16
N GLY A 59 -6.07 -10.17 -4.35
CA GLY A 59 -5.47 -11.52 -4.20
C GLY A 59 -3.96 -11.43 -4.43
N MET A 60 -3.44 -10.24 -4.57
CA MET A 60 -1.97 -10.08 -4.80
C MET A 60 -1.54 -10.93 -6.00
N THR A 61 -1.51 -10.36 -7.17
CA THR A 61 -1.10 -11.14 -8.37
C THR A 61 0.31 -11.69 -8.17
N GLY A 62 0.43 -12.90 -7.70
CA GLY A 62 1.78 -13.48 -7.48
C GLY A 62 2.54 -13.55 -8.81
N PRO A 1 11.42 -5.04 -2.91
CA PRO A 1 12.28 -5.80 -3.87
C PRO A 1 12.01 -5.30 -5.29
N GLU A 2 12.91 -5.56 -6.19
CA GLU A 2 12.72 -5.10 -7.59
C GLU A 2 11.57 -5.90 -8.22
N GLU A 3 11.32 -7.07 -7.74
CA GLU A 3 10.22 -7.91 -8.31
C GLU A 3 8.88 -7.31 -7.90
N VAL A 4 8.70 -7.01 -6.65
CA VAL A 4 7.41 -6.42 -6.20
C VAL A 4 7.37 -4.97 -6.68
N ILE A 5 8.37 -4.20 -6.35
CA ILE A 5 8.40 -2.79 -6.79
C ILE A 5 8.16 -2.73 -8.30
N SER A 6 8.51 -3.77 -8.99
CA SER A 6 8.30 -3.77 -10.47
C SER A 6 6.79 -3.86 -10.76
N LYS A 7 6.06 -4.60 -9.96
CA LYS A 7 4.60 -4.72 -10.21
C LYS A 7 3.87 -3.42 -9.85
N ILE A 8 4.38 -2.68 -8.90
CA ILE A 8 3.72 -1.40 -8.51
C ILE A 8 3.71 -0.45 -9.71
N MET A 9 4.68 -0.58 -10.57
CA MET A 9 4.75 0.32 -11.77
C MET A 9 3.46 0.20 -12.57
N GLU A 10 2.61 -0.72 -12.20
CA GLU A 10 1.33 -0.88 -12.94
C GLU A 10 0.44 0.34 -12.72
N ASN A 11 0.82 1.20 -11.81
CA ASN A 11 0.00 2.42 -11.53
C ASN A 11 0.90 3.49 -10.89
N PRO A 12 1.49 4.36 -11.68
CA PRO A 12 2.39 5.43 -11.15
C PRO A 12 1.77 6.14 -9.93
N ASP A 13 0.51 5.92 -9.70
CA ASP A 13 -0.16 6.55 -8.54
C ASP A 13 0.33 5.89 -7.26
N VAL A 14 0.47 4.59 -7.27
CA VAL A 14 0.97 3.87 -6.07
C VAL A 14 2.46 4.12 -5.93
N ALA A 15 3.14 4.16 -7.04
CA ALA A 15 4.61 4.41 -7.01
C ALA A 15 4.86 5.81 -6.43
N MET A 16 4.00 6.74 -6.76
CA MET A 16 4.16 8.12 -6.23
C MET A 16 3.71 8.11 -4.78
N ALA A 17 2.70 7.35 -4.48
CA ALA A 17 2.22 7.27 -3.07
C ALA A 17 3.27 6.57 -2.24
N PHE A 18 3.93 5.61 -2.84
CA PHE A 18 5.01 4.88 -2.12
C PHE A 18 6.02 5.90 -1.58
N GLN A 19 6.04 7.08 -2.14
CA GLN A 19 6.99 8.13 -1.67
C GLN A 19 6.36 8.94 -0.54
N ASN A 20 5.41 8.37 0.16
CA ASN A 20 4.75 9.10 1.29
C ASN A 20 5.17 8.40 2.59
N PRO A 21 5.30 9.11 3.68
CA PRO A 21 5.72 8.51 4.98
C PRO A 21 4.63 7.60 5.57
N ARG A 22 3.41 8.04 5.58
CA ARG A 22 2.31 7.20 6.14
C ARG A 22 2.20 5.91 5.33
N VAL A 23 2.47 5.98 4.05
CA VAL A 23 2.38 4.76 3.20
C VAL A 23 3.59 3.87 3.47
N GLN A 24 4.78 4.40 3.38
CA GLN A 24 5.99 3.57 3.65
C GLN A 24 5.86 2.98 5.06
N ALA A 25 5.27 3.73 5.95
CA ALA A 25 5.08 3.23 7.33
C ALA A 25 3.94 2.22 7.33
N ALA A 26 2.99 2.40 6.46
CA ALA A 26 1.86 1.44 6.40
C ALA A 26 2.39 0.09 5.91
N LEU A 27 3.13 0.09 4.84
CA LEU A 27 3.70 -1.19 4.32
C LEU A 27 4.69 -1.74 5.34
N MET A 28 5.54 -0.91 5.87
CA MET A 28 6.52 -1.39 6.89
C MET A 28 5.75 -2.02 8.04
N GLU A 29 4.71 -1.37 8.48
CA GLU A 29 3.89 -1.92 9.59
C GLU A 29 3.07 -3.10 9.06
N CYS A 30 2.74 -3.08 7.80
CA CYS A 30 1.93 -4.21 7.23
C CYS A 30 2.68 -5.52 7.42
N SER A 31 3.99 -5.49 7.32
CA SER A 31 4.77 -6.74 7.50
C SER A 31 4.38 -7.43 8.80
N GLU A 32 3.92 -6.67 9.77
CA GLU A 32 3.52 -7.28 11.07
C GLU A 32 2.23 -8.09 10.89
N ASN A 33 1.18 -7.47 10.39
CA ASN A 33 -0.10 -8.20 10.19
C ASN A 33 -1.20 -7.19 9.79
N PRO A 34 -2.29 -7.66 9.24
CA PRO A 34 -3.42 -6.77 8.82
C PRO A 34 -3.79 -5.73 9.89
N MET A 35 -3.24 -5.85 11.07
CA MET A 35 -3.57 -4.87 12.14
C MET A 35 -3.08 -3.50 11.70
N ASN A 36 -2.37 -3.46 10.61
CA ASN A 36 -1.85 -2.17 10.10
C ASN A 36 -3.03 -1.23 9.82
N ILE A 37 -3.83 -1.60 8.87
CA ILE A 37 -4.98 -0.76 8.49
C ILE A 37 -5.89 -0.52 9.71
N MET A 38 -6.00 -1.49 10.56
CA MET A 38 -6.85 -1.31 11.77
C MET A 38 -6.40 -0.06 12.55
N LYS A 39 -5.33 0.56 12.13
CA LYS A 39 -4.82 1.78 12.84
C LYS A 39 -4.87 2.97 11.88
N TYR A 40 -4.45 2.79 10.64
CA TYR A 40 -4.45 3.91 9.67
C TYR A 40 -5.86 4.08 9.09
N GLN A 41 -6.82 3.41 9.65
CA GLN A 41 -8.22 3.54 9.13
C GLN A 41 -8.64 5.01 9.23
N ASN A 42 -7.85 5.80 9.90
CA ASN A 42 -8.16 7.27 10.05
C ASN A 42 -7.30 8.06 9.06
N ASP A 43 -6.15 7.55 8.74
CA ASP A 43 -5.24 8.26 7.78
C ASP A 43 -5.81 8.15 6.37
N LYS A 44 -6.60 9.11 5.95
CA LYS A 44 -7.21 9.06 4.60
C LYS A 44 -6.14 8.76 3.54
N GLU A 45 -4.93 9.18 3.74
CA GLU A 45 -3.86 8.91 2.73
C GLU A 45 -3.64 7.40 2.62
N VAL A 46 -3.46 6.74 3.72
CA VAL A 46 -3.24 5.27 3.68
C VAL A 46 -4.52 4.55 3.28
N MET A 47 -5.65 5.05 3.70
CA MET A 47 -6.93 4.37 3.33
C MET A 47 -7.08 4.39 1.82
N ASP A 48 -6.89 5.53 1.22
CA ASP A 48 -7.02 5.61 -0.25
C ASP A 48 -6.00 4.70 -0.93
N VAL A 49 -4.85 4.55 -0.32
CA VAL A 49 -3.78 3.70 -0.91
C VAL A 49 -4.08 2.22 -0.66
N PHE A 50 -4.26 1.86 0.56
CA PHE A 50 -4.52 0.43 0.89
C PHE A 50 -5.88 0.02 0.32
N ASN A 51 -6.77 0.96 0.16
CA ASN A 51 -8.11 0.62 -0.42
C ASN A 51 -7.96 0.52 -1.94
N LYS A 52 -7.01 1.22 -2.50
CA LYS A 52 -6.81 1.13 -3.97
C LYS A 52 -6.03 -0.13 -4.27
N ILE A 53 -5.01 -0.35 -3.50
CA ILE A 53 -4.16 -1.55 -3.66
C ILE A 53 -5.04 -2.81 -3.68
N SER A 54 -5.99 -2.88 -2.79
CA SER A 54 -6.86 -4.08 -2.73
C SER A 54 -7.94 -4.03 -3.81
N GLN A 55 -8.44 -2.88 -4.13
CA GLN A 55 -9.50 -2.79 -5.17
C GLN A 55 -8.89 -3.15 -6.53
N LEU A 56 -7.66 -2.78 -6.76
CA LEU A 56 -6.98 -3.09 -8.05
C LEU A 56 -6.24 -4.43 -7.93
N PHE A 57 -5.83 -4.79 -6.73
CA PHE A 57 -5.10 -6.09 -6.52
C PHE A 57 -5.82 -6.92 -5.45
N PRO A 58 -7.08 -7.19 -5.63
CA PRO A 58 -7.89 -8.01 -4.66
C PRO A 58 -7.43 -9.48 -4.63
N GLY A 59 -6.24 -9.75 -5.08
CA GLY A 59 -5.75 -11.16 -5.07
C GLY A 59 -4.26 -11.19 -5.44
N MET A 60 -3.64 -10.04 -5.51
CA MET A 60 -2.18 -10.00 -5.87
C MET A 60 -1.95 -10.79 -7.16
N THR A 61 -2.42 -10.29 -8.28
CA THR A 61 -2.22 -11.00 -9.56
C THR A 61 -0.73 -11.13 -9.85
N GLY A 62 -0.33 -12.16 -10.55
CA GLY A 62 1.11 -12.35 -10.87
C GLY A 62 1.61 -11.17 -11.71
N PRO A 1 14.46 -5.00 -2.99
CA PRO A 1 13.06 -5.36 -3.35
C PRO A 1 12.66 -4.63 -4.64
N GLU A 2 13.62 -4.29 -5.46
CA GLU A 2 13.30 -3.59 -6.73
C GLU A 2 12.29 -4.40 -7.53
N GLU A 3 12.29 -5.70 -7.36
CA GLU A 3 11.34 -6.56 -8.11
C GLU A 3 9.91 -6.15 -7.77
N VAL A 4 9.55 -6.19 -6.52
CA VAL A 4 8.17 -5.78 -6.15
C VAL A 4 7.94 -4.34 -6.59
N ILE A 5 8.81 -3.44 -6.20
CA ILE A 5 8.63 -2.02 -6.61
C ILE A 5 8.44 -1.96 -8.13
N SER A 6 8.94 -2.94 -8.84
CA SER A 6 8.76 -2.93 -10.32
C SER A 6 7.28 -3.16 -10.65
N LYS A 7 6.62 -3.99 -9.88
CA LYS A 7 5.16 -4.26 -10.15
C LYS A 7 4.30 -3.06 -9.72
N ILE A 8 4.73 -2.33 -8.72
CA ILE A 8 3.92 -1.17 -8.24
C ILE A 8 3.80 -0.11 -9.36
N MET A 9 4.70 -0.12 -10.30
CA MET A 9 4.64 0.89 -11.40
C MET A 9 3.35 0.69 -12.21
N GLU A 10 2.62 -0.36 -11.94
CA GLU A 10 1.37 -0.62 -12.69
C GLU A 10 0.45 0.60 -12.63
N ASN A 11 0.58 1.41 -11.60
CA ASN A 11 -0.30 2.62 -11.47
C ASN A 11 0.55 3.77 -10.90
N PRO A 12 0.48 4.96 -11.48
CA PRO A 12 1.27 6.12 -10.98
C PRO A 12 0.67 6.67 -9.68
N ASP A 13 -0.51 6.22 -9.35
CA ASP A 13 -1.19 6.69 -8.12
C ASP A 13 -0.49 6.09 -6.91
N VAL A 14 -0.19 4.83 -6.96
CA VAL A 14 0.50 4.16 -5.82
C VAL A 14 1.96 4.57 -5.82
N ALA A 15 2.54 4.65 -6.97
CA ALA A 15 3.96 5.06 -7.06
C ALA A 15 4.11 6.47 -6.49
N MET A 16 3.15 7.31 -6.75
CA MET A 16 3.21 8.70 -6.21
C MET A 16 2.87 8.66 -4.73
N ALA A 17 1.96 7.80 -4.36
CA ALA A 17 1.58 7.68 -2.93
C ALA A 17 2.75 7.05 -2.19
N PHE A 18 3.47 6.18 -2.85
CA PHE A 18 4.64 5.54 -2.21
C PHE A 18 5.60 6.64 -1.72
N GLN A 19 5.48 7.82 -2.28
CA GLN A 19 6.38 8.94 -1.86
C GLN A 19 5.81 9.61 -0.61
N ASN A 20 4.95 8.93 0.11
CA ASN A 20 4.37 9.52 1.36
C ASN A 20 4.94 8.74 2.55
N PRO A 21 5.24 9.38 3.65
CA PRO A 21 5.81 8.69 4.84
C PRO A 21 4.79 7.77 5.51
N ARG A 22 3.59 8.25 5.72
CA ARG A 22 2.56 7.40 6.37
C ARG A 22 2.34 6.14 5.52
N VAL A 23 2.52 6.25 4.24
CA VAL A 23 2.34 5.06 3.35
C VAL A 23 3.54 4.12 3.51
N GLN A 24 4.73 4.64 3.36
CA GLN A 24 5.93 3.78 3.53
C GLN A 24 5.85 3.10 4.91
N ALA A 25 5.31 3.81 5.87
CA ALA A 25 5.16 3.24 7.23
C ALA A 25 4.01 2.24 7.21
N ALA A 26 3.05 2.43 6.35
CA ALA A 26 1.90 1.50 6.28
C ALA A 26 2.38 0.16 5.69
N LEU A 27 3.13 0.22 4.61
CA LEU A 27 3.64 -1.04 3.99
C LEU A 27 4.72 -1.62 4.91
N MET A 28 5.63 -0.80 5.36
CA MET A 28 6.70 -1.31 6.26
C MET A 28 6.05 -1.92 7.50
N GLU A 29 5.03 -1.29 8.01
CA GLU A 29 4.35 -1.85 9.22
C GLU A 29 3.51 -3.06 8.80
N CYS A 30 3.09 -3.11 7.57
CA CYS A 30 2.27 -4.27 7.12
C CYS A 30 3.04 -5.56 7.34
N SER A 31 4.34 -5.53 7.19
CA SER A 31 5.15 -6.76 7.40
C SER A 31 4.82 -7.37 8.76
N GLU A 32 4.39 -6.56 9.69
CA GLU A 32 4.05 -7.09 11.04
C GLU A 32 2.78 -7.95 10.95
N ASN A 33 1.73 -7.39 10.44
CA ASN A 33 0.45 -8.17 10.32
C ASN A 33 -0.66 -7.24 9.80
N PRO A 34 -1.73 -7.78 9.29
CA PRO A 34 -2.87 -6.97 8.79
C PRO A 34 -3.33 -5.94 9.82
N MET A 35 -2.81 -6.02 11.01
CA MET A 35 -3.22 -5.06 12.07
C MET A 35 -2.75 -3.66 11.69
N ASN A 36 -1.97 -3.56 10.64
CA ASN A 36 -1.47 -2.23 10.21
C ASN A 36 -2.66 -1.33 9.86
N ILE A 37 -3.46 -1.74 8.92
CA ILE A 37 -4.61 -0.91 8.50
C ILE A 37 -5.54 -0.65 9.69
N MET A 38 -5.67 -1.60 10.57
CA MET A 38 -6.55 -1.40 11.75
C MET A 38 -6.09 -0.16 12.52
N LYS A 39 -4.89 0.29 12.24
CA LYS A 39 -4.36 1.51 12.94
C LYS A 39 -4.48 2.72 12.00
N TYR A 40 -4.08 2.57 10.77
CA TYR A 40 -4.17 3.70 9.81
C TYR A 40 -5.62 3.88 9.37
N GLN A 41 -6.52 3.17 9.98
CA GLN A 41 -7.96 3.29 9.60
C GLN A 41 -8.37 4.76 9.68
N ASN A 42 -7.72 5.52 10.52
CA ASN A 42 -8.06 6.97 10.65
C ASN A 42 -7.30 7.76 9.58
N ASP A 43 -6.21 7.22 9.09
CA ASP A 43 -5.43 7.93 8.04
C ASP A 43 -6.11 7.73 6.69
N LYS A 44 -7.04 8.58 6.34
CA LYS A 44 -7.77 8.44 5.06
C LYS A 44 -6.78 8.27 3.90
N GLU A 45 -5.62 8.84 4.00
CA GLU A 45 -4.62 8.71 2.90
C GLU A 45 -4.23 7.23 2.74
N VAL A 46 -3.86 6.59 3.81
CA VAL A 46 -3.47 5.16 3.73
C VAL A 46 -4.67 4.33 3.32
N MET A 47 -5.84 4.74 3.69
CA MET A 47 -7.06 3.96 3.32
C MET A 47 -7.19 3.97 1.80
N ASP A 48 -6.98 5.11 1.20
CA ASP A 48 -7.09 5.20 -0.28
C ASP A 48 -5.99 4.34 -0.92
N VAL A 49 -4.86 4.25 -0.28
CA VAL A 49 -3.74 3.46 -0.84
C VAL A 49 -3.97 1.98 -0.62
N PHE A 50 -4.19 1.60 0.60
CA PHE A 50 -4.40 0.17 0.91
C PHE A 50 -5.74 -0.30 0.32
N ASN A 51 -6.66 0.60 0.13
CA ASN A 51 -7.96 0.21 -0.48
C ASN A 51 -7.76 0.11 -1.99
N LYS A 52 -6.80 0.82 -2.52
CA LYS A 52 -6.55 0.74 -3.98
C LYS A 52 -5.77 -0.54 -4.24
N ILE A 53 -4.83 -0.80 -3.39
CA ILE A 53 -3.99 -2.01 -3.51
C ILE A 53 -4.88 -3.25 -3.45
N SER A 54 -5.91 -3.21 -2.66
CA SER A 54 -6.80 -4.39 -2.51
C SER A 54 -7.83 -4.47 -3.65
N GLN A 55 -8.25 -3.35 -4.16
CA GLN A 55 -9.29 -3.35 -5.23
C GLN A 55 -8.68 -3.56 -6.62
N LEU A 56 -7.57 -2.94 -6.91
CA LEU A 56 -6.94 -3.10 -8.26
C LEU A 56 -6.13 -4.38 -8.33
N PHE A 57 -6.14 -5.17 -7.29
CA PHE A 57 -5.35 -6.44 -7.27
C PHE A 57 -6.26 -7.62 -6.89
N PRO A 58 -7.32 -7.84 -7.62
CA PRO A 58 -8.27 -8.95 -7.34
C PRO A 58 -7.64 -10.33 -7.62
N GLY A 59 -7.13 -10.53 -8.80
CA GLY A 59 -6.50 -11.84 -9.13
C GLY A 59 -5.20 -12.00 -8.35
N MET A 60 -4.71 -10.93 -7.77
CA MET A 60 -3.45 -11.02 -6.98
C MET A 60 -2.35 -11.67 -7.83
N THR A 61 -1.53 -10.87 -8.46
CA THR A 61 -0.45 -11.45 -9.31
C THR A 61 0.51 -12.26 -8.44
N GLY A 62 0.30 -12.26 -7.14
CA GLY A 62 1.20 -13.02 -6.23
C GLY A 62 1.13 -14.51 -6.60
N PRO A 1 11.42 -4.05 -2.68
CA PRO A 1 12.36 -4.90 -3.47
C PRO A 1 12.08 -4.69 -4.97
N GLU A 2 13.10 -4.84 -5.78
CA GLU A 2 12.89 -4.65 -7.25
C GLU A 2 11.82 -5.62 -7.75
N GLU A 3 11.64 -6.71 -7.07
CA GLU A 3 10.62 -7.71 -7.50
C GLU A 3 9.21 -7.10 -7.39
N VAL A 4 8.83 -6.67 -6.21
CA VAL A 4 7.48 -6.08 -6.03
C VAL A 4 7.45 -4.66 -6.61
N ILE A 5 8.40 -3.84 -6.26
CA ILE A 5 8.42 -2.45 -6.78
C ILE A 5 8.27 -2.48 -8.31
N SER A 6 8.62 -3.56 -8.93
CA SER A 6 8.47 -3.64 -10.40
C SER A 6 6.98 -3.73 -10.74
N LYS A 7 6.22 -4.43 -9.95
CA LYS A 7 4.76 -4.57 -10.23
C LYS A 7 4.02 -3.26 -9.90
N ILE A 8 4.51 -2.51 -8.94
CA ILE A 8 3.82 -1.24 -8.56
C ILE A 8 3.77 -0.31 -9.77
N MET A 9 4.71 -0.42 -10.67
CA MET A 9 4.71 0.46 -11.87
C MET A 9 3.38 0.33 -12.62
N GLU A 10 2.55 -0.59 -12.20
CA GLU A 10 1.24 -0.79 -12.86
C GLU A 10 0.40 0.49 -12.74
N ASN A 11 0.64 1.26 -11.71
CA ASN A 11 -0.13 2.52 -11.50
C ASN A 11 0.81 3.57 -10.88
N PRO A 12 1.37 4.46 -11.66
CA PRO A 12 2.29 5.51 -11.13
C PRO A 12 1.69 6.20 -9.90
N ASP A 13 0.43 5.98 -9.65
CA ASP A 13 -0.23 6.59 -8.46
C ASP A 13 0.27 5.89 -7.20
N VAL A 14 0.39 4.59 -7.23
CA VAL A 14 0.90 3.87 -6.02
C VAL A 14 2.40 4.10 -5.92
N ALA A 15 3.07 4.12 -7.03
CA ALA A 15 4.52 4.36 -7.03
C ALA A 15 4.77 5.77 -6.48
N MET A 16 3.91 6.69 -6.81
CA MET A 16 4.06 8.08 -6.32
C MET A 16 3.63 8.11 -4.86
N ALA A 17 2.63 7.35 -4.54
CA ALA A 17 2.14 7.31 -3.13
C ALA A 17 3.20 6.59 -2.30
N PHE A 18 3.87 5.65 -2.89
CA PHE A 18 4.94 4.92 -2.16
C PHE A 18 5.95 5.94 -1.63
N GLN A 19 5.99 7.11 -2.21
CA GLN A 19 6.94 8.17 -1.76
C GLN A 19 6.27 9.07 -0.72
N ASN A 20 5.30 8.54 -0.01
CA ASN A 20 4.60 9.34 1.04
C ASN A 20 4.97 8.75 2.41
N PRO A 21 5.12 9.55 3.43
CA PRO A 21 5.50 9.04 4.78
C PRO A 21 4.37 8.21 5.43
N ARG A 22 3.15 8.69 5.37
CA ARG A 22 2.04 7.92 5.99
C ARG A 22 1.96 6.54 5.30
N VAL A 23 2.29 6.50 4.03
CA VAL A 23 2.26 5.20 3.29
C VAL A 23 3.47 4.37 3.72
N GLN A 24 4.65 4.93 3.65
CA GLN A 24 5.86 4.16 4.06
C GLN A 24 5.61 3.62 5.47
N ALA A 25 4.90 4.36 6.27
CA ALA A 25 4.58 3.90 7.65
C ALA A 25 3.56 2.77 7.56
N ALA A 26 2.70 2.82 6.58
CA ALA A 26 1.69 1.75 6.42
C ALA A 26 2.41 0.45 6.00
N LEU A 27 3.38 0.56 5.13
CA LEU A 27 4.15 -0.65 4.70
C LEU A 27 5.04 -1.09 5.86
N MET A 28 5.76 -0.17 6.45
CA MET A 28 6.65 -0.55 7.58
C MET A 28 5.79 -1.18 8.68
N GLU A 29 4.63 -0.64 8.91
CA GLU A 29 3.73 -1.22 9.94
C GLU A 29 3.14 -2.52 9.42
N CYS A 30 2.98 -2.63 8.12
CA CYS A 30 2.41 -3.89 7.55
C CYS A 30 3.28 -5.08 7.96
N SER A 31 4.58 -4.91 7.91
CA SER A 31 5.50 -6.01 8.29
C SER A 31 5.11 -6.56 9.67
N GLU A 32 4.55 -5.74 10.51
CA GLU A 32 4.15 -6.21 11.86
C GLU A 32 2.98 -7.18 11.75
N ASN A 33 1.91 -6.75 11.12
CA ASN A 33 0.72 -7.64 10.97
C ASN A 33 -0.42 -6.82 10.34
N PRO A 34 -1.41 -7.47 9.78
CA PRO A 34 -2.57 -6.78 9.15
C PRO A 34 -3.16 -5.70 10.07
N MET A 35 -2.73 -5.66 11.30
CA MET A 35 -3.27 -4.65 12.24
C MET A 35 -2.84 -3.26 11.75
N ASN A 36 -2.01 -3.21 10.76
CA ASN A 36 -1.56 -1.90 10.22
C ASN A 36 -2.77 -1.08 9.79
N ILE A 37 -3.53 -1.61 8.89
CA ILE A 37 -4.72 -0.86 8.38
C ILE A 37 -5.74 -0.68 9.51
N MET A 38 -5.71 -1.52 10.51
CA MET A 38 -6.69 -1.39 11.63
C MET A 38 -6.39 -0.12 12.42
N LYS A 39 -5.77 0.86 11.81
CA LYS A 39 -5.46 2.12 12.53
C LYS A 39 -5.41 3.29 11.52
N TYR A 40 -4.90 3.04 10.34
CA TYR A 40 -4.82 4.13 9.33
C TYR A 40 -6.16 4.27 8.60
N GLN A 41 -7.16 3.50 8.99
CA GLN A 41 -8.49 3.61 8.31
C GLN A 41 -8.92 5.09 8.32
N ASN A 42 -8.38 5.86 9.23
CA ASN A 42 -8.74 7.31 9.30
C ASN A 42 -7.82 8.09 8.36
N ASP A 43 -6.60 7.64 8.21
CA ASP A 43 -5.66 8.35 7.31
C ASP A 43 -6.14 8.20 5.85
N LYS A 44 -6.87 9.18 5.37
CA LYS A 44 -7.42 9.11 4.00
C LYS A 44 -6.33 8.77 2.97
N GLU A 45 -5.11 9.14 3.23
CA GLU A 45 -4.03 8.84 2.25
C GLU A 45 -3.74 7.33 2.23
N VAL A 46 -3.65 6.72 3.38
CA VAL A 46 -3.36 5.26 3.43
C VAL A 46 -4.59 4.46 3.01
N MET A 47 -5.76 4.87 3.40
CA MET A 47 -6.97 4.09 3.02
C MET A 47 -7.10 4.09 1.49
N ASP A 48 -6.93 5.22 0.88
CA ASP A 48 -7.03 5.28 -0.60
C ASP A 48 -5.95 4.37 -1.22
N VAL A 49 -4.80 4.32 -0.60
CA VAL A 49 -3.69 3.50 -1.14
C VAL A 49 -3.94 2.01 -0.85
N PHE A 50 -4.15 1.69 0.38
CA PHE A 50 -4.38 0.27 0.77
C PHE A 50 -5.71 -0.21 0.15
N ASN A 51 -6.61 0.70 -0.09
CA ASN A 51 -7.91 0.30 -0.71
C ASN A 51 -7.69 0.10 -2.21
N LYS A 52 -6.71 0.76 -2.76
CA LYS A 52 -6.44 0.58 -4.21
C LYS A 52 -5.70 -0.72 -4.38
N ILE A 53 -4.71 -0.91 -3.56
CA ILE A 53 -3.90 -2.15 -3.59
C ILE A 53 -4.84 -3.37 -3.53
N SER A 54 -5.83 -3.32 -2.68
CA SER A 54 -6.76 -4.49 -2.55
C SER A 54 -7.80 -4.47 -3.67
N GLN A 55 -8.25 -3.32 -4.09
CA GLN A 55 -9.28 -3.27 -5.16
C GLN A 55 -8.66 -3.74 -6.48
N LEU A 56 -7.41 -3.43 -6.70
CA LEU A 56 -6.74 -3.87 -7.97
C LEU A 56 -6.10 -5.24 -7.75
N PHE A 57 -5.72 -5.56 -6.54
CA PHE A 57 -5.09 -6.89 -6.24
C PHE A 57 -5.91 -7.64 -5.17
N PRO A 58 -7.19 -7.84 -5.41
CA PRO A 58 -8.08 -8.56 -4.45
C PRO A 58 -7.71 -10.05 -4.32
N GLY A 59 -6.51 -10.41 -4.69
CA GLY A 59 -6.09 -11.83 -4.59
C GLY A 59 -4.60 -11.96 -4.88
N MET A 60 -4.24 -12.04 -6.13
CA MET A 60 -2.80 -12.16 -6.48
C MET A 60 -2.06 -10.88 -6.08
N THR A 61 -1.54 -10.84 -4.89
CA THR A 61 -0.81 -9.62 -4.44
C THR A 61 0.49 -9.49 -5.23
N GLY A 62 1.47 -10.28 -4.90
CA GLY A 62 2.77 -10.21 -5.62
C GLY A 62 2.58 -10.65 -7.07
N PRO A 1 11.80 -2.58 -3.62
CA PRO A 1 12.78 -3.28 -4.49
C PRO A 1 12.28 -3.26 -5.93
N GLU A 2 13.17 -3.27 -6.89
CA GLU A 2 12.74 -3.25 -8.31
C GLU A 2 11.86 -4.48 -8.59
N GLU A 3 12.02 -5.52 -7.83
CA GLU A 3 11.20 -6.75 -8.04
C GLU A 3 9.72 -6.43 -7.77
N VAL A 4 9.41 -5.99 -6.58
CA VAL A 4 7.99 -5.68 -6.25
C VAL A 4 7.58 -4.36 -6.90
N ILE A 5 8.37 -3.33 -6.74
CA ILE A 5 8.02 -2.02 -7.34
C ILE A 5 7.67 -2.21 -8.82
N SER A 6 8.16 -3.25 -9.42
CA SER A 6 7.84 -3.49 -10.85
C SER A 6 6.36 -3.88 -10.95
N LYS A 7 5.87 -4.64 -10.01
CA LYS A 7 4.44 -5.06 -10.07
C LYS A 7 3.52 -3.89 -9.70
N ILE A 8 3.98 -2.98 -8.87
CA ILE A 8 3.12 -1.83 -8.47
C ILE A 8 2.82 -0.97 -9.70
N MET A 9 3.61 -1.09 -10.74
CA MET A 9 3.37 -0.26 -11.96
C MET A 9 1.98 -0.59 -12.54
N GLU A 10 1.41 -1.69 -12.14
CA GLU A 10 0.06 -2.05 -12.67
C GLU A 10 -0.93 -0.92 -12.39
N ASN A 11 -0.66 -0.13 -11.40
CA ASN A 11 -1.58 0.99 -11.03
C ASN A 11 -0.75 2.20 -10.58
N PRO A 12 -0.41 3.10 -11.48
CA PRO A 12 0.41 4.31 -11.13
C PRO A 12 -0.13 5.01 -9.87
N ASP A 13 -1.29 4.62 -9.42
CA ASP A 13 -1.89 5.25 -8.21
C ASP A 13 -1.10 4.80 -6.97
N VAL A 14 -0.83 3.52 -6.86
CA VAL A 14 -0.08 3.02 -5.68
C VAL A 14 1.39 3.36 -5.85
N ALA A 15 1.88 3.29 -7.05
CA ALA A 15 3.31 3.63 -7.30
C ALA A 15 3.55 5.10 -6.97
N MET A 16 2.60 5.95 -7.29
CA MET A 16 2.75 7.39 -7.00
C MET A 16 2.53 7.60 -5.51
N ALA A 17 1.65 6.84 -4.93
CA ALA A 17 1.39 6.98 -3.47
C ALA A 17 2.60 6.42 -2.73
N PHE A 18 3.19 5.40 -3.27
CA PHE A 18 4.40 4.81 -2.63
C PHE A 18 5.43 5.92 -2.38
N GLN A 19 5.28 7.04 -3.05
CA GLN A 19 6.24 8.16 -2.87
C GLN A 19 5.78 9.07 -1.71
N ASN A 20 4.97 8.55 -0.81
CA ASN A 20 4.50 9.35 0.36
C ASN A 20 5.14 8.77 1.62
N PRO A 21 5.51 9.58 2.58
CA PRO A 21 6.17 9.09 3.83
C PRO A 21 5.22 8.29 4.71
N ARG A 22 4.03 8.78 4.95
CA ARG A 22 3.08 8.02 5.82
C ARG A 22 2.80 6.67 5.16
N VAL A 23 2.88 6.62 3.85
CA VAL A 23 2.63 5.35 3.12
C VAL A 23 3.83 4.43 3.30
N GLN A 24 5.01 4.90 3.02
CA GLN A 24 6.23 4.05 3.21
C GLN A 24 6.21 3.51 4.63
N ALA A 25 5.72 4.29 5.55
CA ALA A 25 5.63 3.85 6.97
C ALA A 25 4.53 2.81 7.10
N ALA A 26 3.47 2.96 6.36
CA ALA A 26 2.36 1.98 6.43
C ALA A 26 2.85 0.65 5.84
N LEU A 27 3.59 0.71 4.77
CA LEU A 27 4.12 -0.55 4.16
C LEU A 27 5.22 -1.11 5.06
N MET A 28 6.14 -0.30 5.48
CA MET A 28 7.22 -0.80 6.37
C MET A 28 6.57 -1.38 7.62
N GLU A 29 5.56 -0.73 8.12
CA GLU A 29 4.88 -1.27 9.33
C GLU A 29 4.03 -2.48 8.92
N CYS A 30 3.51 -2.47 7.70
CA CYS A 30 2.69 -3.63 7.25
C CYS A 30 3.45 -4.92 7.54
N SER A 31 4.75 -4.86 7.55
CA SER A 31 5.56 -6.07 7.84
C SER A 31 5.10 -6.69 9.16
N GLU A 32 4.76 -5.87 10.12
CA GLU A 32 4.28 -6.42 11.42
C GLU A 32 3.06 -7.30 11.17
N ASN A 33 2.04 -6.74 10.57
CA ASN A 33 0.81 -7.53 10.29
C ASN A 33 -0.27 -6.60 9.70
N PRO A 34 -1.19 -7.12 8.94
CA PRO A 34 -2.27 -6.29 8.34
C PRO A 34 -3.01 -5.46 9.41
N MET A 35 -2.68 -5.67 10.66
CA MET A 35 -3.38 -4.92 11.74
C MET A 35 -2.81 -3.50 11.86
N ASN A 36 -1.76 -3.22 11.14
CA ASN A 36 -1.15 -1.86 11.21
C ASN A 36 -2.09 -0.81 10.62
N ILE A 37 -2.85 -1.18 9.62
CA ILE A 37 -3.77 -0.19 8.99
C ILE A 37 -4.71 0.37 10.05
N MET A 38 -5.04 -0.43 11.04
CA MET A 38 -5.96 0.07 12.11
C MET A 38 -5.32 1.30 12.77
N LYS A 39 -4.01 1.37 12.79
CA LYS A 39 -3.33 2.53 13.41
C LYS A 39 -3.43 3.73 12.46
N TYR A 40 -3.16 3.52 11.20
CA TYR A 40 -3.24 4.63 10.22
C TYR A 40 -4.71 4.89 9.87
N GLN A 41 -5.62 4.23 10.54
CA GLN A 41 -7.06 4.44 10.25
C GLN A 41 -7.37 5.94 10.33
N ASN A 42 -6.61 6.66 11.10
CA ASN A 42 -6.85 8.14 11.22
C ASN A 42 -6.19 8.81 10.03
N ASP A 43 -5.20 8.19 9.45
CA ASP A 43 -4.52 8.80 8.26
C ASP A 43 -5.33 8.51 7.00
N LYS A 44 -6.31 9.33 6.71
CA LYS A 44 -7.17 9.11 5.52
C LYS A 44 -6.29 8.87 4.27
N GLU A 45 -5.10 9.40 4.27
CA GLU A 45 -4.20 9.20 3.09
C GLU A 45 -3.84 7.72 2.97
N VAL A 46 -3.39 7.13 4.04
CA VAL A 46 -3.01 5.68 3.99
C VAL A 46 -4.25 4.84 3.69
N MET A 47 -5.37 5.17 4.26
CA MET A 47 -6.59 4.37 4.00
C MET A 47 -6.94 4.40 2.51
N ASP A 48 -6.79 5.53 1.89
CA ASP A 48 -7.10 5.64 0.44
C ASP A 48 -6.22 4.68 -0.37
N VAL A 49 -4.95 4.76 -0.16
CA VAL A 49 -3.98 3.91 -0.93
C VAL A 49 -4.06 2.46 -0.46
N PHE A 50 -4.20 2.21 0.81
CA PHE A 50 -4.25 0.80 1.30
C PHE A 50 -5.61 0.18 0.94
N ASN A 51 -6.64 0.97 0.86
CA ASN A 51 -7.97 0.42 0.49
C ASN A 51 -7.95 0.13 -1.01
N LYS A 52 -7.15 0.86 -1.73
CA LYS A 52 -7.05 0.64 -3.20
C LYS A 52 -6.17 -0.58 -3.43
N ILE A 53 -5.07 -0.63 -2.74
CA ILE A 53 -4.12 -1.77 -2.87
C ILE A 53 -4.86 -3.08 -2.59
N SER A 54 -5.80 -3.06 -1.69
CA SER A 54 -6.53 -4.31 -1.33
C SER A 54 -7.65 -4.62 -2.31
N GLN A 55 -8.30 -3.61 -2.83
CA GLN A 55 -9.46 -3.85 -3.76
C GLN A 55 -8.99 -4.13 -5.20
N LEU A 56 -8.05 -3.39 -5.69
CA LEU A 56 -7.59 -3.60 -7.10
C LEU A 56 -6.66 -4.81 -7.17
N PHE A 57 -6.47 -5.50 -6.06
CA PHE A 57 -5.56 -6.70 -6.05
C PHE A 57 -6.31 -7.90 -5.45
N PRO A 58 -7.39 -8.33 -6.07
CA PRO A 58 -8.19 -9.49 -5.57
C PRO A 58 -7.45 -10.82 -5.79
N GLY A 59 -6.15 -10.78 -5.83
CA GLY A 59 -5.37 -12.03 -6.05
C GLY A 59 -5.40 -12.40 -7.53
N MET A 60 -5.44 -11.42 -8.39
CA MET A 60 -5.48 -11.72 -9.85
C MET A 60 -4.13 -12.32 -10.28
N THR A 61 -3.05 -11.65 -10.00
CA THR A 61 -1.72 -12.18 -10.39
C THR A 61 -1.50 -13.54 -9.71
N GLY A 62 -0.35 -14.13 -9.91
CA GLY A 62 -0.08 -15.45 -9.28
C GLY A 62 0.02 -15.29 -7.77
N PRO A 1 13.14 -7.06 -3.05
CA PRO A 1 11.73 -7.03 -3.54
C PRO A 1 11.65 -6.16 -4.80
N GLU A 2 12.76 -6.00 -5.49
CA GLU A 2 12.74 -5.16 -6.73
C GLU A 2 11.68 -5.70 -7.69
N GLU A 3 11.37 -6.96 -7.60
CA GLU A 3 10.33 -7.54 -8.51
C GLU A 3 8.98 -6.91 -8.21
N VAL A 4 8.52 -7.03 -7.00
CA VAL A 4 7.20 -6.43 -6.65
C VAL A 4 7.26 -4.93 -6.96
N ILE A 5 8.28 -4.27 -6.49
CA ILE A 5 8.41 -2.80 -6.77
C ILE A 5 8.27 -2.58 -8.27
N SER A 6 8.61 -3.57 -9.05
CA SER A 6 8.49 -3.41 -10.53
C SER A 6 7.00 -3.34 -10.91
N LYS A 7 6.17 -4.10 -10.24
CA LYS A 7 4.72 -4.09 -10.57
C LYS A 7 4.07 -2.78 -10.09
N ILE A 8 4.57 -2.20 -9.04
CA ILE A 8 3.97 -0.93 -8.53
C ILE A 8 4.06 0.14 -9.62
N MET A 9 5.04 0.05 -10.47
CA MET A 9 5.19 1.06 -11.56
C MET A 9 3.91 1.08 -12.41
N GLU A 10 3.01 0.16 -12.15
CA GLU A 10 1.74 0.12 -12.94
C GLU A 10 0.98 1.44 -12.76
N ASN A 11 1.17 2.07 -11.63
CA ASN A 11 0.47 3.37 -11.35
C ASN A 11 1.46 4.31 -10.64
N PRO A 12 2.10 5.21 -11.35
CA PRO A 12 3.07 6.17 -10.72
C PRO A 12 2.49 6.79 -9.44
N ASP A 13 1.20 6.64 -9.25
CA ASP A 13 0.55 7.19 -8.03
C ASP A 13 0.96 6.37 -6.82
N VAL A 14 0.99 5.06 -6.95
CA VAL A 14 1.39 4.20 -5.80
C VAL A 14 2.90 4.31 -5.65
N ALA A 15 3.61 4.36 -6.74
CA ALA A 15 5.08 4.49 -6.67
C ALA A 15 5.42 5.80 -5.98
N MET A 16 4.65 6.82 -6.24
CA MET A 16 4.89 8.14 -5.60
C MET A 16 4.41 8.06 -4.16
N ALA A 17 3.34 7.36 -3.95
CA ALA A 17 2.81 7.21 -2.56
C ALA A 17 3.80 6.35 -1.77
N PHE A 18 4.42 5.42 -2.45
CA PHE A 18 5.42 4.55 -1.77
C PHE A 18 6.49 5.44 -1.14
N GLN A 19 6.64 6.65 -1.65
CA GLN A 19 7.66 7.59 -1.10
C GLN A 19 7.04 8.44 0.00
N ASN A 20 6.01 7.95 0.64
CA ASN A 20 5.35 8.72 1.75
C ASN A 20 5.67 8.01 3.07
N PRO A 21 5.85 8.74 4.15
CA PRO A 21 6.19 8.12 5.46
C PRO A 21 5.01 7.32 6.04
N ARG A 22 3.83 7.85 5.95
CA ARG A 22 2.65 7.13 6.50
C ARG A 22 2.43 5.84 5.72
N VAL A 23 2.77 5.82 4.46
CA VAL A 23 2.59 4.59 3.64
C VAL A 23 3.67 3.58 4.04
N GLN A 24 4.91 3.99 4.03
CA GLN A 24 6.01 3.05 4.42
C GLN A 24 5.66 2.47 5.79
N ALA A 25 5.06 3.27 6.63
CA ALA A 25 4.66 2.79 7.98
C ALA A 25 3.54 1.77 7.83
N ALA A 26 2.70 1.94 6.85
CA ALA A 26 1.59 0.97 6.64
C ALA A 26 2.20 -0.36 6.20
N LEU A 27 3.21 -0.33 5.37
CA LEU A 27 3.85 -1.59 4.91
C LEU A 27 4.65 -2.18 6.07
N MET A 28 5.44 -1.36 6.73
CA MET A 28 6.24 -1.87 7.88
C MET A 28 5.27 -2.45 8.92
N GLU A 29 4.18 -1.78 9.17
CA GLU A 29 3.20 -2.29 10.15
C GLU A 29 2.44 -3.47 9.55
N CYS A 30 2.28 -3.49 8.24
CA CYS A 30 1.54 -4.62 7.60
C CYS A 30 2.24 -5.94 7.94
N SER A 31 3.55 -5.93 8.00
CA SER A 31 4.29 -7.17 8.32
C SER A 31 3.73 -7.81 9.59
N GLU A 32 3.17 -7.01 10.46
CA GLU A 32 2.60 -7.57 11.73
C GLU A 32 1.36 -8.39 11.41
N ASN A 33 0.40 -7.81 10.76
CA ASN A 33 -0.85 -8.55 10.41
C ASN A 33 -1.86 -7.56 9.78
N PRO A 34 -2.81 -8.04 9.01
CA PRO A 34 -3.83 -7.16 8.37
C PRO A 34 -4.40 -6.11 9.35
N MET A 35 -4.10 -6.23 10.62
CA MET A 35 -4.62 -5.25 11.61
C MET A 35 -4.06 -3.87 11.28
N ASN A 36 -3.15 -3.80 10.36
CA ASN A 36 -2.55 -2.49 10.00
C ASN A 36 -3.65 -1.54 9.52
N ILE A 37 -4.32 -1.89 8.46
CA ILE A 37 -5.38 -1.02 7.92
C ILE A 37 -6.49 -0.83 8.96
N MET A 38 -6.68 -1.81 9.81
CA MET A 38 -7.74 -1.68 10.84
C MET A 38 -7.45 -0.47 11.74
N LYS A 39 -6.37 0.24 11.47
CA LYS A 39 -6.01 1.43 12.30
C LYS A 39 -5.78 2.64 11.39
N TYR A 40 -5.15 2.45 10.26
CA TYR A 40 -4.89 3.60 9.34
C TYR A 40 -6.18 3.99 8.62
N GLN A 41 -7.27 3.31 8.90
CA GLN A 41 -8.56 3.67 8.22
C GLN A 41 -8.82 5.17 8.40
N ASN A 42 -8.28 5.76 9.44
CA ASN A 42 -8.48 7.22 9.65
C ASN A 42 -7.46 7.99 8.82
N ASP A 43 -6.35 7.38 8.51
CA ASP A 43 -5.30 8.06 7.70
C ASP A 43 -5.74 8.10 6.23
N LYS A 44 -6.44 9.13 5.84
CA LYS A 44 -6.93 9.23 4.44
C LYS A 44 -5.80 8.96 3.45
N GLU A 45 -4.57 9.15 3.85
CA GLU A 45 -3.45 8.89 2.91
C GLU A 45 -3.31 7.38 2.70
N VAL A 46 -3.21 6.64 3.76
CA VAL A 46 -3.06 5.17 3.64
C VAL A 46 -4.34 4.55 3.07
N MET A 47 -5.48 5.05 3.40
CA MET A 47 -6.74 4.43 2.88
C MET A 47 -6.79 4.59 1.36
N ASP A 48 -6.46 5.73 0.84
CA ASP A 48 -6.50 5.90 -0.63
C ASP A 48 -5.50 4.93 -1.27
N VAL A 49 -4.41 4.71 -0.62
CA VAL A 49 -3.36 3.82 -1.16
C VAL A 49 -3.77 2.35 -0.98
N PHE A 50 -4.08 1.97 0.22
CA PHE A 50 -4.47 0.56 0.48
C PHE A 50 -5.80 0.27 -0.23
N ASN A 51 -6.58 1.28 -0.47
CA ASN A 51 -7.87 1.06 -1.19
C ASN A 51 -7.59 0.92 -2.67
N LYS A 52 -6.51 1.51 -3.14
CA LYS A 52 -6.17 1.39 -4.58
C LYS A 52 -5.53 0.03 -4.78
N ILE A 53 -4.61 -0.28 -3.93
CA ILE A 53 -3.89 -1.58 -3.99
C ILE A 53 -4.92 -2.72 -4.05
N SER A 54 -5.94 -2.65 -3.26
CA SER A 54 -6.96 -3.74 -3.25
C SER A 54 -7.94 -3.59 -4.40
N GLN A 55 -8.28 -2.38 -4.77
CA GLN A 55 -9.23 -2.19 -5.90
C GLN A 55 -8.59 -2.65 -7.21
N LEU A 56 -7.30 -2.44 -7.34
CA LEU A 56 -6.59 -2.85 -8.59
C LEU A 56 -6.05 -4.27 -8.40
N PHE A 57 -5.77 -4.67 -7.18
CA PHE A 57 -5.23 -6.05 -6.92
C PHE A 57 -6.15 -6.78 -5.92
N PRO A 58 -7.42 -6.89 -6.22
CA PRO A 58 -8.40 -7.59 -5.33
C PRO A 58 -8.13 -9.09 -5.25
N GLY A 59 -6.90 -9.51 -5.47
CA GLY A 59 -6.57 -10.96 -5.39
C GLY A 59 -5.06 -11.14 -5.46
N MET A 60 -4.32 -10.07 -5.36
CA MET A 60 -2.83 -10.18 -5.42
C MET A 60 -2.41 -10.94 -6.67
N THR A 61 -2.06 -10.24 -7.72
CA THR A 61 -1.64 -10.94 -8.96
C THR A 61 -0.39 -11.77 -8.69
N GLY A 62 0.68 -11.15 -8.27
CA GLY A 62 1.93 -11.91 -7.99
C GLY A 62 1.67 -12.91 -6.85
#